data_7CEE
#
_entry.id   7CEE
#
_cell.length_a   65.842
_cell.length_b   167.142
_cell.length_c   177.950
_cell.angle_alpha   90.000
_cell.angle_beta   90.000
_cell.angle_gamma   90.000
#
_symmetry.space_group_name_H-M   'P 21 21 21'
#
loop_
_entity.id
_entity.type
_entity.pdbx_description
1 polymer Neuroligin-3
2 non-polymer 2-acetamido-2-deoxy-beta-D-glucopyranose
3 water water
#
_entity_poly.entity_id   1
_entity_poly.type   'polypeptide(L)'
_entity_poly.pdbx_seq_one_letter_code
;APAPTVNTHFGKLRGARVPLPSEILGPVDQYLGVPYAAPPIGEKRFLPPEPPPSWSGIRNATHFPPVCPQNIHTAVPEVM
LPVWFTANLDIVATYIQEPNEDCLYLNVYVPTEDGSGAKKQGEDLADNDGDEDEDIRDSGAKPVMVYIHGGSYMEGTGNM
IDGSVLASYGNVIVITLNYRVGVLGFLSTGDQAAKGNYGLLDQIQALRWVSENIAFFGGDPRRITVFGSGIGASCVSLLT
LSHHSEGLFQRAIIQSGSALSSWAVNYQPVKYTSLLADKVGCNVLDTVDMVDCLRQKSAKELVEQDIQPARYHVAFGPVI
DGDVIPDDPEILMEQGEFLNYDIMLGVNQGEGLKFVEGVVDPEDGVSGTDFDYSVSNFVDNLYGYPEGKDTLRETIKFMY
TDWADRDNPETRRKTLVALFTDHQWVEPSVVTADLHARYGSPTYFYAFYHHCQSLMKPAWSDAAHGDEVPYVFGVPMVGP
TDLFPCNFSKNDVMLSAVVMTYWTNFAKTGDPNKPVPQDTKFIHTKANRFEEVAWSKYNPRDQLYLHIGLKPRVRDHYRA
TKVAFWKHLVPHLYNLHDMFHYTSTTTKVPPPDTTHSSHITRRPNGKTWSTKRPAISPAYSNENAPGSWNGDQDAGPLLV
ENPRDYSTEHHHHHH
;
_entity_poly.pdbx_strand_id   A,B
#
loop_
_chem_comp.id
_chem_comp.type
_chem_comp.name
_chem_comp.formula
NAG D-saccharide, beta linking 2-acetamido-2-deoxy-beta-D-glucopyranose 'C8 H15 N O6'
#
# COMPACT_ATOMS: atom_id res chain seq x y z
N ALA A 3 -30.15 46.39 -28.74
CA ALA A 3 -28.88 47.10 -28.67
C ALA A 3 -28.39 47.22 -27.22
N PRO A 4 -27.74 46.16 -26.71
CA PRO A 4 -27.22 46.11 -25.34
C PRO A 4 -25.99 47.00 -25.13
N THR A 5 -26.14 48.09 -24.37
CA THR A 5 -25.04 49.02 -24.15
C THR A 5 -24.71 49.18 -22.66
N VAL A 6 -23.42 49.30 -22.36
CA VAL A 6 -22.95 49.50 -20.99
C VAL A 6 -21.88 50.59 -20.95
N ASN A 7 -21.92 51.42 -19.91
CA ASN A 7 -20.95 52.50 -19.74
C ASN A 7 -19.78 52.05 -18.87
N THR A 8 -18.56 52.36 -19.29
CA THR A 8 -17.38 52.03 -18.50
C THR A 8 -16.45 53.23 -18.31
N HIS A 9 -15.41 53.05 -17.49
CA HIS A 9 -14.44 54.11 -17.21
C HIS A 9 -13.63 54.57 -18.41
N PHE A 10 -13.76 53.87 -19.53
CA PHE A 10 -12.94 54.17 -20.70
C PHE A 10 -13.81 54.52 -21.89
N GLY A 11 -15.12 54.36 -21.73
CA GLY A 11 -16.06 54.68 -22.79
C GLY A 11 -17.23 53.73 -22.84
N LYS A 12 -18.22 54.04 -23.67
CA LYS A 12 -19.37 53.16 -23.83
C LYS A 12 -19.04 52.06 -24.82
N LEU A 13 -19.65 50.89 -24.63
CA LEU A 13 -19.48 49.80 -25.59
C LEU A 13 -20.78 49.03 -25.81
N ARG A 14 -20.95 48.55 -27.04
CA ARG A 14 -22.16 47.85 -27.44
C ARG A 14 -21.93 46.36 -27.61
N GLY A 15 -22.67 45.57 -26.84
CA GLY A 15 -22.60 44.12 -26.91
C GLY A 15 -23.75 43.53 -27.70
N ALA A 16 -24.00 42.25 -27.51
CA ALA A 16 -25.09 41.57 -28.18
C ALA A 16 -25.91 40.72 -27.22
N ARG A 17 -27.22 40.66 -27.46
CA ARG A 17 -28.09 39.76 -26.72
C ARG A 17 -28.25 38.49 -27.52
N VAL A 18 -27.88 37.38 -26.90
CA VAL A 18 -27.92 36.09 -27.56
C VAL A 18 -28.75 35.11 -26.75
N PRO A 19 -29.73 34.47 -27.40
CA PRO A 19 -30.59 33.50 -26.72
C PRO A 19 -30.00 32.09 -26.77
N LEU A 20 -30.04 31.41 -25.64
CA LEU A 20 -29.51 30.06 -25.54
C LEU A 20 -30.46 29.09 -26.25
N PRO A 21 -29.92 28.03 -26.86
CA PRO A 21 -30.73 27.03 -27.56
C PRO A 21 -31.74 26.39 -26.62
N SER A 22 -31.33 26.14 -25.39
CA SER A 22 -32.24 25.66 -24.36
C SER A 22 -33.26 26.73 -24.01
N GLU A 23 -34.53 26.35 -24.00
CA GLU A 23 -35.62 27.27 -23.66
C GLU A 23 -35.58 27.71 -22.20
N ILE A 24 -35.32 26.74 -21.34
CA ILE A 24 -35.34 26.94 -19.90
C ILE A 24 -34.33 27.99 -19.45
N LEU A 25 -33.15 27.97 -20.06
CA LEU A 25 -32.11 28.96 -19.75
C LEU A 25 -32.44 30.29 -20.42
N GLY A 26 -32.33 31.36 -19.65
CA GLY A 26 -32.60 32.69 -20.17
C GLY A 26 -31.46 33.16 -21.05
N PRO A 27 -31.72 34.17 -21.90
CA PRO A 27 -30.71 34.72 -22.80
C PRO A 27 -29.63 35.48 -22.05
N VAL A 28 -28.52 35.77 -22.70
CA VAL A 28 -27.44 36.53 -22.06
C VAL A 28 -26.94 37.66 -22.95
N ASP A 29 -26.51 38.74 -22.29
CA ASP A 29 -25.85 39.84 -22.96
C ASP A 29 -24.36 39.58 -22.95
N GLN A 30 -23.73 39.47 -24.13
CA GLN A 30 -22.30 39.22 -24.18
C GLN A 30 -21.54 40.35 -24.87
N TYR A 31 -20.46 40.78 -24.23
CA TYR A 31 -19.61 41.84 -24.76
C TYR A 31 -18.23 41.25 -25.06
N LEU A 32 -17.94 41.07 -26.35
CA LEU A 32 -16.68 40.44 -26.75
C LEU A 32 -15.62 41.46 -27.12
N GLY A 33 -14.36 41.10 -26.88
CA GLY A 33 -13.24 41.93 -27.27
C GLY A 33 -13.12 43.27 -26.57
N VAL A 34 -13.33 43.29 -25.26
CA VAL A 34 -13.15 44.51 -24.48
C VAL A 34 -11.70 44.68 -24.09
N PRO A 35 -11.06 45.78 -24.54
CA PRO A 35 -9.66 46.03 -24.20
C PRO A 35 -9.46 46.33 -22.72
N TYR A 36 -8.61 45.57 -22.05
CA TYR A 36 -8.37 45.77 -20.62
C TYR A 36 -6.97 46.34 -20.40
N ALA A 37 -6.22 46.49 -21.48
CA ALA A 37 -4.89 47.08 -21.42
C ALA A 37 -4.48 47.65 -22.78
N ALA A 38 -3.53 48.58 -22.76
CA ALA A 38 -2.99 49.13 -23.99
C ALA A 38 -2.18 48.06 -24.69
N PRO A 39 -2.27 48.00 -26.04
CA PRO A 39 -1.58 46.99 -26.84
C PRO A 39 -0.09 46.89 -26.52
N PRO A 40 0.38 45.67 -26.22
CA PRO A 40 1.77 45.45 -25.83
C PRO A 40 2.68 45.28 -27.04
N ILE A 41 2.85 46.36 -27.80
CA ILE A 41 3.58 46.31 -29.06
C ILE A 41 4.59 47.44 -29.14
N GLY A 42 5.59 47.28 -30.01
CA GLY A 42 6.67 48.24 -30.10
C GLY A 42 7.47 48.23 -28.82
N GLU A 43 7.57 49.39 -28.18
CA GLU A 43 8.27 49.52 -26.91
C GLU A 43 7.53 48.80 -25.79
N LYS A 44 6.23 48.62 -25.98
CA LYS A 44 5.37 48.01 -24.96
C LYS A 44 5.65 46.51 -24.80
N ARG A 45 6.22 45.89 -25.84
CA ARG A 45 6.60 44.48 -25.77
C ARG A 45 7.61 44.25 -24.65
N PHE A 46 7.46 43.12 -23.95
CA PHE A 46 8.33 42.77 -22.82
C PHE A 46 8.28 43.82 -21.73
N LEU A 47 7.13 44.47 -21.62
CA LEU A 47 6.89 45.49 -20.62
C LEU A 47 5.54 45.20 -19.97
N PRO A 48 5.40 45.54 -18.68
CA PRO A 48 4.12 45.30 -18.00
C PRO A 48 2.97 46.01 -18.70
N PRO A 49 1.76 45.46 -18.62
CA PRO A 49 0.61 46.07 -19.30
C PRO A 49 0.30 47.47 -18.78
N GLU A 50 -0.24 48.32 -19.64
CA GLU A 50 -0.61 49.68 -19.26
C GLU A 50 -2.11 49.83 -19.53
N PRO A 51 -2.76 50.78 -18.84
CA PRO A 51 -4.19 50.97 -19.04
C PRO A 51 -4.54 51.31 -20.49
N PRO A 52 -5.70 50.84 -20.96
CA PRO A 52 -6.13 51.10 -22.33
C PRO A 52 -6.56 52.55 -22.53
N PRO A 53 -6.31 53.11 -23.71
CA PRO A 53 -6.75 54.48 -24.00
C PRO A 53 -8.27 54.56 -24.06
N SER A 54 -8.82 55.73 -23.79
CA SER A 54 -10.28 55.93 -23.84
C SER A 54 -10.79 56.17 -25.25
N TRP A 55 -12.09 55.94 -25.44
CA TRP A 55 -12.74 56.21 -26.72
C TRP A 55 -13.98 57.08 -26.52
N SER A 56 -14.19 58.02 -27.42
CA SER A 56 -15.23 59.03 -27.22
C SER A 56 -16.64 58.56 -27.59
N GLY A 57 -16.73 57.67 -28.59
CA GLY A 57 -18.01 57.19 -29.05
C GLY A 57 -18.43 55.88 -28.42
N ILE A 58 -19.45 55.24 -28.98
CA ILE A 58 -19.81 53.88 -28.56
C ILE A 58 -18.93 52.86 -29.29
N ARG A 59 -18.32 51.97 -28.51
CA ARG A 59 -17.41 50.97 -29.05
C ARG A 59 -18.12 49.65 -29.34
N ASN A 60 -17.76 49.04 -30.47
CA ASN A 60 -18.35 47.77 -30.88
C ASN A 60 -17.70 46.60 -30.18
N ALA A 61 -18.51 45.80 -29.49
CA ALA A 61 -18.04 44.62 -28.78
C ALA A 61 -18.67 43.36 -29.35
N THR A 62 -19.06 43.44 -30.63
CA THR A 62 -19.81 42.37 -31.28
C THR A 62 -18.98 41.15 -31.70
N HIS A 63 -17.71 41.36 -32.06
CA HIS A 63 -16.91 40.26 -32.60
C HIS A 63 -15.69 39.90 -31.77
N PHE A 64 -15.24 38.66 -31.90
CA PHE A 64 -14.01 38.20 -31.24
C PHE A 64 -12.79 38.95 -31.77
N PRO A 65 -11.84 39.25 -30.87
CA PRO A 65 -10.59 39.91 -31.25
C PRO A 65 -9.56 38.90 -31.73
N PRO A 66 -8.41 39.37 -32.25
CA PRO A 66 -7.32 38.45 -32.56
C PRO A 66 -6.78 37.81 -31.28
N VAL A 67 -6.30 36.58 -31.38
CA VAL A 67 -5.68 35.93 -30.22
C VAL A 67 -4.22 36.31 -30.15
N CYS A 68 -3.57 35.96 -29.04
CA CYS A 68 -2.16 36.28 -28.88
C CYS A 68 -1.30 35.40 -29.77
N PRO A 69 -0.14 35.90 -30.20
CA PRO A 69 0.78 35.16 -31.06
C PRO A 69 1.11 33.77 -30.55
N GLN A 70 0.84 32.77 -31.38
CA GLN A 70 0.98 31.37 -31.01
C GLN A 70 0.89 30.52 -32.27
N ASN A 71 1.41 29.30 -32.19
CA ASN A 71 1.33 28.39 -33.31
C ASN A 71 1.15 26.95 -32.82
N ILE A 72 -0.05 26.40 -33.05
CA ILE A 72 -0.38 25.05 -32.60
C ILE A 72 0.40 23.98 -33.35
N HIS A 73 0.73 24.25 -34.60
CA HIS A 73 1.50 23.31 -35.42
C HIS A 73 2.91 23.12 -34.83
N THR A 74 3.50 24.22 -34.37
CA THR A 74 4.82 24.16 -33.75
C THR A 74 4.77 23.31 -32.49
N ALA A 75 5.82 22.51 -32.28
CA ALA A 75 5.83 21.54 -31.18
C ALA A 75 5.74 22.21 -29.81
N VAL A 76 4.92 21.62 -28.95
CA VAL A 76 4.77 22.03 -27.55
C VAL A 76 4.57 20.74 -26.75
N PRO A 77 4.81 20.77 -25.43
CA PRO A 77 4.62 19.52 -24.69
C PRO A 77 3.20 18.97 -24.80
N GLU A 78 3.08 17.75 -25.34
CA GLU A 78 1.78 17.15 -25.58
C GLU A 78 1.03 16.83 -24.30
N VAL A 79 1.76 16.34 -23.29
CA VAL A 79 1.15 15.92 -22.03
C VAL A 79 0.46 17.05 -21.29
N MET A 80 1.01 18.25 -21.39
CA MET A 80 0.48 19.42 -20.70
C MET A 80 -0.90 19.83 -21.21
N LEU A 81 -1.20 19.52 -22.47
CA LEU A 81 -2.44 19.99 -23.09
C LEU A 81 -3.61 19.08 -22.74
N PRO A 82 -4.80 19.66 -22.56
CA PRO A 82 -6.03 18.89 -22.30
C PRO A 82 -6.37 17.97 -23.47
N VAL A 83 -6.98 16.83 -23.18
CA VAL A 83 -7.35 15.85 -24.20
C VAL A 83 -8.26 16.45 -25.26
N TRP A 84 -9.23 17.26 -24.85
CA TRP A 84 -10.19 17.84 -25.78
C TRP A 84 -9.49 18.76 -26.78
N PHE A 85 -8.34 19.28 -26.38
CA PHE A 85 -7.58 20.21 -27.21
C PHE A 85 -6.83 19.50 -28.33
N THR A 86 -5.99 18.53 -27.96
CA THR A 86 -5.17 17.81 -28.93
C THR A 86 -5.97 16.89 -29.85
N ALA A 87 -7.06 16.34 -29.32
CA ALA A 87 -7.91 15.44 -30.09
C ALA A 87 -8.64 16.18 -31.19
N ASN A 88 -8.75 17.51 -31.04
CA ASN A 88 -9.53 18.30 -31.98
C ASN A 88 -8.77 19.54 -32.45
N LEU A 89 -7.53 19.32 -32.89
CA LEU A 89 -6.66 20.41 -33.34
C LEU A 89 -7.24 21.15 -34.54
N ASP A 90 -8.00 20.45 -35.37
CA ASP A 90 -8.61 21.04 -36.55
C ASP A 90 -9.56 22.17 -36.19
N ILE A 91 -10.48 21.89 -35.27
CA ILE A 91 -11.47 22.87 -34.82
C ILE A 91 -10.81 24.00 -34.05
N VAL A 92 -9.82 23.67 -33.24
CA VAL A 92 -9.04 24.65 -32.50
C VAL A 92 -8.40 25.68 -33.44
N ALA A 93 -7.92 25.21 -34.59
CA ALA A 93 -7.21 26.06 -35.55
C ALA A 93 -8.09 27.21 -36.05
N THR A 94 -9.40 26.98 -36.11
CA THR A 94 -10.34 28.00 -36.56
C THR A 94 -10.41 29.18 -35.58
N TYR A 95 -10.13 28.90 -34.31
CA TYR A 95 -10.07 29.94 -33.29
C TYR A 95 -8.75 30.72 -33.33
N ILE A 96 -7.67 30.02 -33.66
CA ILE A 96 -6.32 30.56 -33.56
C ILE A 96 -5.91 31.39 -34.78
N GLN A 97 -6.65 31.25 -35.89
CA GLN A 97 -6.28 31.89 -37.14
C GLN A 97 -6.19 33.41 -37.02
N GLU A 98 -5.21 33.98 -37.72
CA GLU A 98 -4.94 35.42 -37.74
C GLU A 98 -4.60 36.03 -36.36
N PRO A 99 -3.61 35.46 -35.65
CA PRO A 99 -3.24 36.04 -34.35
C PRO A 99 -2.51 37.38 -34.48
N ASN A 100 -2.70 38.25 -33.50
CA ASN A 100 -2.06 39.56 -33.49
C ASN A 100 -1.47 39.89 -32.13
N GLU A 101 -0.34 40.59 -32.12
CA GLU A 101 0.31 40.95 -30.86
C GLU A 101 -0.58 41.89 -30.05
N ASP A 102 -1.46 42.60 -30.76
CA ASP A 102 -2.51 43.37 -30.10
C ASP A 102 -3.63 42.40 -29.72
N CYS A 103 -3.53 41.83 -28.52
CA CYS A 103 -4.41 40.73 -28.15
C CYS A 103 -4.95 40.79 -26.72
N LEU A 104 -4.67 41.87 -26.01
CA LEU A 104 -5.09 41.97 -24.61
C LEU A 104 -6.55 42.37 -24.51
N TYR A 105 -7.44 41.41 -24.75
CA TYR A 105 -8.88 41.65 -24.69
C TYR A 105 -9.55 40.59 -23.83
N LEU A 106 -10.73 40.89 -23.31
CA LEU A 106 -11.51 39.92 -22.56
C LEU A 106 -12.96 39.85 -23.04
N ASN A 107 -13.64 38.77 -22.69
CA ASN A 107 -15.04 38.59 -23.06
C ASN A 107 -15.92 38.49 -21.82
N VAL A 108 -17.08 39.14 -21.88
CA VAL A 108 -17.98 39.18 -20.73
C VAL A 108 -19.35 38.57 -21.07
N TYR A 109 -19.83 37.69 -20.19
CA TYR A 109 -21.14 37.08 -20.36
C TYR A 109 -22.04 37.41 -19.18
N VAL A 110 -23.12 38.14 -19.43
CA VAL A 110 -24.00 38.61 -18.35
C VAL A 110 -25.43 38.09 -18.49
N PRO A 111 -25.98 37.52 -17.40
CA PRO A 111 -27.36 37.05 -17.34
C PRO A 111 -28.38 38.17 -17.46
N THR A 112 -29.55 37.87 -18.02
CA THR A 112 -30.60 38.87 -18.18
C THR A 112 -31.68 38.71 -17.11
N SER A 139 -31.37 38.21 -8.54
CA SER A 139 -31.70 39.54 -8.04
C SER A 139 -30.51 40.17 -7.32
N GLY A 140 -30.30 41.47 -7.57
CA GLY A 140 -29.21 42.19 -6.95
C GLY A 140 -27.93 42.10 -7.74
N ALA A 141 -26.85 42.66 -7.20
CA ALA A 141 -25.55 42.60 -7.86
C ALA A 141 -25.09 41.15 -7.97
N LYS A 142 -24.53 40.80 -9.12
CA LYS A 142 -24.20 39.41 -9.41
C LYS A 142 -22.70 39.13 -9.22
N PRO A 143 -22.38 37.91 -8.76
CA PRO A 143 -21.00 37.45 -8.59
C PRO A 143 -20.26 37.35 -9.92
N VAL A 144 -18.95 37.52 -9.90
CA VAL A 144 -18.16 37.49 -11.13
C VAL A 144 -17.15 36.35 -11.12
N MET A 145 -17.22 35.50 -12.12
CA MET A 145 -16.28 34.39 -12.24
C MET A 145 -15.34 34.62 -13.42
N VAL A 146 -14.07 34.81 -13.11
CA VAL A 146 -13.08 35.12 -14.13
C VAL A 146 -12.25 33.89 -14.48
N TYR A 147 -12.44 33.38 -15.69
CA TYR A 147 -11.75 32.16 -16.12
C TYR A 147 -10.41 32.46 -16.76
N ILE A 148 -9.41 31.68 -16.38
CA ILE A 148 -8.10 31.76 -17.02
C ILE A 148 -7.80 30.47 -17.76
N HIS A 149 -7.80 30.54 -19.09
CA HIS A 149 -7.52 29.38 -19.91
C HIS A 149 -6.06 28.98 -19.78
N GLY A 150 -5.67 27.90 -20.43
CA GLY A 150 -4.27 27.53 -20.45
C GLY A 150 -4.00 26.14 -20.99
N GLY A 151 -3.16 26.09 -22.01
CA GLY A 151 -2.68 24.83 -22.54
C GLY A 151 -1.32 24.48 -21.96
N SER A 152 -0.32 25.30 -22.30
CA SER A 152 1.06 25.01 -21.94
C SER A 152 1.91 26.26 -21.73
N TYR A 153 1.23 27.40 -21.55
CA TYR A 153 1.84 28.74 -21.47
C TYR A 153 2.21 29.27 -22.86
N MET A 154 2.09 28.41 -23.86
CA MET A 154 2.49 28.77 -25.22
C MET A 154 1.30 29.02 -26.14
N GLU A 155 0.13 28.49 -25.78
CA GLU A 155 -1.01 28.50 -26.68
C GLU A 155 -2.33 28.68 -25.94
N GLY A 156 -3.42 28.74 -26.69
CA GLY A 156 -4.75 28.81 -26.13
C GLY A 156 -5.38 30.19 -26.17
N THR A 157 -6.67 30.24 -25.83
CA THR A 157 -7.42 31.48 -25.79
C THR A 157 -8.76 31.24 -25.10
N GLY A 158 -9.26 32.26 -24.41
CA GLY A 158 -10.53 32.15 -23.73
C GLY A 158 -11.70 32.09 -24.68
N ASN A 159 -11.43 32.41 -25.94
CA ASN A 159 -12.47 32.50 -26.97
C ASN A 159 -13.14 31.16 -27.23
N MET A 160 -12.39 30.09 -27.06
CA MET A 160 -12.90 28.74 -27.31
C MET A 160 -14.02 28.36 -26.35
N ILE A 161 -13.97 28.92 -25.14
CA ILE A 161 -14.98 28.62 -24.13
C ILE A 161 -16.09 29.67 -24.09
N ASP A 162 -17.33 29.21 -24.23
CA ASP A 162 -18.49 30.08 -24.27
C ASP A 162 -19.23 30.04 -22.93
N GLY A 163 -19.05 31.09 -22.13
CA GLY A 163 -19.55 31.11 -20.77
C GLY A 163 -21.04 31.40 -20.61
N SER A 164 -21.76 31.42 -21.72
CA SER A 164 -23.19 31.74 -21.71
C SER A 164 -23.99 30.81 -20.80
N VAL A 165 -23.73 29.51 -20.90
CA VAL A 165 -24.47 28.51 -20.14
C VAL A 165 -24.26 28.69 -18.63
N LEU A 166 -23.00 28.82 -18.23
CA LEU A 166 -22.65 28.99 -16.83
C LEU A 166 -23.28 30.25 -16.26
N ALA A 167 -23.31 31.30 -17.08
CA ALA A 167 -23.86 32.58 -16.68
C ALA A 167 -25.37 32.50 -16.42
N SER A 168 -26.10 32.00 -17.40
CA SER A 168 -27.56 31.94 -17.32
C SER A 168 -28.07 30.99 -16.24
N TYR A 169 -27.41 29.85 -16.10
CA TYR A 169 -27.84 28.83 -15.14
C TYR A 169 -27.55 29.25 -13.70
N GLY A 170 -26.33 29.68 -13.44
CA GLY A 170 -25.90 30.03 -12.10
C GLY A 170 -26.17 31.46 -11.72
N ASN A 171 -26.66 32.25 -12.69
CA ASN A 171 -26.94 33.67 -12.51
C ASN A 171 -25.71 34.44 -12.01
N VAL A 172 -24.59 34.23 -12.68
CA VAL A 172 -23.36 34.96 -12.37
C VAL A 172 -22.74 35.51 -13.64
N ILE A 173 -21.80 36.45 -13.49
CA ILE A 173 -21.09 36.99 -14.65
C ILE A 173 -19.84 36.15 -14.91
N VAL A 174 -19.70 35.70 -16.16
CA VAL A 174 -18.56 34.86 -16.54
C VAL A 174 -17.65 35.61 -17.49
N ILE A 175 -16.34 35.58 -17.22
CA ILE A 175 -15.38 36.30 -18.03
C ILE A 175 -14.25 35.40 -18.53
N THR A 176 -13.99 35.46 -19.83
CA THR A 176 -12.88 34.75 -20.44
C THR A 176 -11.93 35.77 -21.04
N LEU A 177 -10.64 35.62 -20.76
CA LEU A 177 -9.67 36.63 -21.17
C LEU A 177 -8.56 36.08 -22.06
N ASN A 178 -7.86 37.00 -22.72
CA ASN A 178 -6.68 36.68 -23.49
C ASN A 178 -5.45 37.33 -22.89
N TYR A 179 -4.38 36.57 -22.71
CA TYR A 179 -3.17 37.11 -22.13
C TYR A 179 -1.95 36.70 -22.94
N ARG A 180 -0.87 37.47 -22.80
CA ARG A 180 0.39 37.18 -23.48
C ARG A 180 0.90 35.80 -23.11
N VAL A 181 1.25 35.01 -24.13
CA VAL A 181 1.74 33.65 -23.92
C VAL A 181 3.10 33.46 -24.56
N GLY A 182 3.73 32.33 -24.24
CA GLY A 182 5.01 31.97 -24.84
C GLY A 182 6.11 32.98 -24.63
N VAL A 183 6.87 33.23 -25.69
CA VAL A 183 7.98 34.18 -25.66
C VAL A 183 7.53 35.59 -25.29
N LEU A 184 6.49 36.07 -25.93
CA LEU A 184 6.00 37.42 -25.68
C LEU A 184 5.44 37.57 -24.27
N GLY A 185 4.99 36.46 -23.69
CA GLY A 185 4.38 36.47 -22.39
C GLY A 185 5.26 36.15 -21.20
N PHE A 186 6.37 35.45 -21.44
CA PHE A 186 7.17 34.93 -20.33
C PHE A 186 8.67 34.98 -20.54
N LEU A 187 9.12 35.67 -21.59
CA LEU A 187 10.55 35.82 -21.82
C LEU A 187 11.24 36.48 -20.63
N SER A 188 12.34 35.88 -20.18
CA SER A 188 13.08 36.41 -19.05
C SER A 188 14.59 36.24 -19.23
N THR A 189 15.33 37.30 -18.95
CA THR A 189 16.79 37.25 -19.04
C THR A 189 17.40 37.05 -17.64
N GLY A 190 16.52 36.91 -16.65
CA GLY A 190 16.95 36.71 -15.28
C GLY A 190 17.44 37.97 -14.58
N ASP A 191 17.30 39.11 -15.25
CA ASP A 191 17.66 40.39 -14.64
C ASP A 191 16.65 41.48 -14.97
N GLN A 192 17.11 42.73 -14.96
CA GLN A 192 16.23 43.88 -15.14
C GLN A 192 15.83 44.12 -16.60
N ALA A 193 16.62 43.57 -17.52
CA ALA A 193 16.36 43.75 -18.95
C ALA A 193 15.00 43.16 -19.32
N ALA A 194 14.71 41.97 -18.78
CA ALA A 194 13.42 41.32 -18.97
C ALA A 194 13.06 40.48 -17.76
N LYS A 195 12.28 41.06 -16.84
CA LYS A 195 11.90 40.37 -15.61
C LYS A 195 10.97 39.18 -15.86
N GLY A 196 10.10 39.30 -16.86
CA GLY A 196 9.19 38.22 -17.19
C GLY A 196 7.84 38.30 -16.52
N ASN A 197 7.09 37.20 -16.60
CA ASN A 197 5.78 37.07 -15.98
C ASN A 197 4.74 38.01 -16.58
N TYR A 198 4.99 38.45 -17.82
CA TYR A 198 4.11 39.40 -18.49
C TYR A 198 2.71 38.82 -18.69
N GLY A 199 2.62 37.52 -18.91
CA GLY A 199 1.34 36.85 -19.04
C GLY A 199 0.53 36.93 -17.76
N LEU A 200 1.23 36.81 -16.63
CA LEU A 200 0.60 36.89 -15.33
C LEU A 200 0.18 38.33 -15.01
N LEU A 201 1.07 39.28 -15.31
CA LEU A 201 0.78 40.70 -15.11
C LEU A 201 -0.47 41.11 -15.88
N ASP A 202 -0.64 40.53 -17.07
CA ASP A 202 -1.83 40.76 -17.88
C ASP A 202 -3.08 40.28 -17.15
N GLN A 203 -2.97 39.13 -16.49
CA GLN A 203 -4.09 38.58 -15.74
C GLN A 203 -4.45 39.49 -14.57
N ILE A 204 -3.43 39.97 -13.87
CA ILE A 204 -3.62 40.94 -12.78
C ILE A 204 -4.31 42.18 -13.31
N GLN A 205 -3.78 42.71 -14.42
CA GLN A 205 -4.33 43.90 -15.06
C GLN A 205 -5.77 43.67 -15.51
N ALA A 206 -6.04 42.47 -16.00
CA ALA A 206 -7.39 42.10 -16.41
C ALA A 206 -8.32 42.03 -15.20
N LEU A 207 -7.75 41.65 -14.06
CA LEU A 207 -8.51 41.55 -12.83
C LEU A 207 -8.82 42.93 -12.24
N ARG A 208 -7.86 43.86 -12.32
CA ARG A 208 -8.10 45.23 -11.89
C ARG A 208 -9.25 45.84 -12.66
N TRP A 209 -9.24 45.67 -13.97
CA TRP A 209 -10.27 46.21 -14.84
C TRP A 209 -11.65 45.72 -14.41
N VAL A 210 -11.74 44.43 -14.12
CA VAL A 210 -13.00 43.85 -13.67
C VAL A 210 -13.41 44.45 -12.33
N SER A 211 -12.45 44.55 -11.41
CA SER A 211 -12.73 45.10 -10.09
C SER A 211 -13.29 46.52 -10.18
N GLU A 212 -12.68 47.34 -11.02
CA GLU A 212 -13.05 48.74 -11.13
C GLU A 212 -14.28 48.98 -12.02
N ASN A 213 -14.58 48.05 -12.91
CA ASN A 213 -15.57 48.29 -13.95
C ASN A 213 -16.75 47.32 -14.03
N ILE A 214 -16.66 46.15 -13.41
CA ILE A 214 -17.72 45.15 -13.55
C ILE A 214 -19.03 45.60 -12.91
N ALA A 215 -18.94 46.56 -11.98
CA ALA A 215 -20.11 47.12 -11.34
C ALA A 215 -21.02 47.78 -12.38
N PHE A 216 -20.42 48.23 -13.47
CA PHE A 216 -21.14 48.81 -14.58
C PHE A 216 -21.97 47.78 -15.34
N PHE A 217 -21.60 46.51 -15.19
CA PHE A 217 -22.29 45.42 -15.89
C PHE A 217 -23.34 44.78 -14.99
N GLY A 218 -23.42 45.26 -13.75
CA GLY A 218 -24.32 44.67 -12.78
C GLY A 218 -23.57 43.65 -11.95
N GLY A 219 -22.25 43.69 -12.04
CA GLY A 219 -21.40 42.77 -11.32
C GLY A 219 -21.01 43.25 -9.93
N ASP A 220 -20.66 42.31 -9.06
CA ASP A 220 -20.22 42.64 -7.71
C ASP A 220 -18.71 42.52 -7.62
N PRO A 221 -18.00 43.66 -7.56
CA PRO A 221 -16.54 43.66 -7.46
C PRO A 221 -16.06 43.01 -6.16
N ARG A 222 -16.93 42.96 -5.16
CA ARG A 222 -16.60 42.35 -3.87
C ARG A 222 -16.69 40.83 -3.91
N ARG A 223 -17.47 40.28 -4.83
CA ARG A 223 -17.54 38.83 -4.99
C ARG A 223 -16.94 38.37 -6.32
N ILE A 224 -15.63 38.42 -6.43
CA ILE A 224 -14.95 37.98 -7.64
C ILE A 224 -14.18 36.68 -7.42
N THR A 225 -14.51 35.65 -8.21
CA THR A 225 -13.78 34.39 -8.16
C THR A 225 -13.01 34.15 -9.45
N VAL A 226 -11.74 33.78 -9.32
CA VAL A 226 -10.95 33.44 -10.49
C VAL A 226 -10.66 31.94 -10.52
N PHE A 227 -10.91 31.33 -11.67
CA PHE A 227 -10.72 29.89 -11.81
C PHE A 227 -10.10 29.52 -13.14
N GLY A 228 -9.46 28.36 -13.18
CA GLY A 228 -8.83 27.88 -14.40
C GLY A 228 -8.58 26.38 -14.39
N SER A 229 -8.37 25.82 -15.57
CA SER A 229 -8.07 24.39 -15.68
C SER A 229 -6.66 24.19 -16.21
N GLY A 230 -6.01 23.12 -15.77
CA GLY A 230 -4.68 22.79 -16.24
C GLY A 230 -3.67 23.88 -15.92
N ILE A 231 -2.98 24.35 -16.96
CA ILE A 231 -2.02 25.44 -16.81
C ILE A 231 -2.72 26.72 -16.35
N GLY A 232 -3.99 26.85 -16.72
CA GLY A 232 -4.80 27.96 -16.25
C GLY A 232 -4.92 27.94 -14.74
N ALA A 233 -5.05 26.75 -14.18
CA ALA A 233 -5.13 26.59 -12.73
C ALA A 233 -3.78 26.87 -12.07
N SER A 234 -2.70 26.53 -12.77
CA SER A 234 -1.35 26.83 -12.30
C SER A 234 -1.16 28.34 -12.19
N CYS A 235 -1.81 29.06 -13.09
CA CYS A 235 -1.76 30.52 -13.09
C CYS A 235 -2.55 31.05 -11.89
N VAL A 236 -3.77 30.55 -11.73
CA VAL A 236 -4.61 30.92 -10.61
C VAL A 236 -3.89 30.68 -9.29
N SER A 237 -3.23 29.53 -9.19
CA SER A 237 -2.42 29.19 -8.02
C SER A 237 -1.37 30.26 -7.73
N LEU A 238 -0.69 30.70 -8.78
CA LEU A 238 0.37 31.70 -8.64
C LEU A 238 -0.18 33.08 -8.33
N LEU A 239 -1.37 33.39 -8.83
CA LEU A 239 -1.98 34.68 -8.57
C LEU A 239 -2.29 34.84 -7.09
N THR A 240 -2.67 33.74 -6.45
CA THR A 240 -3.01 33.75 -5.03
C THR A 240 -1.78 34.00 -4.16
N LEU A 241 -0.60 33.71 -4.71
CA LEU A 241 0.64 33.83 -3.95
C LEU A 241 1.35 35.16 -4.20
N SER A 242 0.75 36.02 -5.00
CA SER A 242 1.38 37.28 -5.39
C SER A 242 0.86 38.48 -4.61
N HIS A 243 1.77 39.39 -4.25
CA HIS A 243 1.39 40.67 -3.67
C HIS A 243 0.54 41.49 -4.63
N HIS A 244 0.91 41.47 -5.90
CA HIS A 244 0.25 42.26 -6.94
C HIS A 244 -1.25 42.00 -7.04
N SER A 245 -1.66 40.76 -6.80
CA SER A 245 -3.07 40.39 -6.93
C SER A 245 -3.91 40.72 -5.69
N GLU A 246 -3.27 41.26 -4.66
CA GLU A 246 -3.95 41.52 -3.40
C GLU A 246 -5.10 42.53 -3.54
N GLY A 247 -6.26 42.17 -3.01
CA GLY A 247 -7.42 43.05 -3.01
C GLY A 247 -8.32 42.97 -4.23
N LEU A 248 -7.84 42.36 -5.31
CA LEU A 248 -8.62 42.27 -6.54
C LEU A 248 -9.74 41.23 -6.50
N PHE A 249 -9.43 40.03 -6.02
CA PHE A 249 -10.42 38.94 -5.99
C PHE A 249 -10.42 38.21 -4.66
N GLN A 250 -11.53 37.52 -4.37
CA GLN A 250 -11.76 36.94 -3.05
C GLN A 250 -11.63 35.43 -3.02
N ARG A 251 -12.02 34.77 -4.11
CA ARG A 251 -12.03 33.32 -4.15
C ARG A 251 -11.34 32.75 -5.38
N ALA A 252 -10.87 31.51 -5.27
CA ALA A 252 -10.22 30.85 -6.39
C ALA A 252 -10.67 29.40 -6.51
N ILE A 253 -10.86 28.95 -7.75
CA ILE A 253 -11.10 27.54 -8.00
C ILE A 253 -9.98 26.99 -8.88
N ILE A 254 -9.21 26.06 -8.32
CA ILE A 254 -8.02 25.59 -9.00
C ILE A 254 -8.21 24.17 -9.50
N GLN A 255 -8.46 24.04 -10.80
CA GLN A 255 -8.85 22.76 -11.39
C GLN A 255 -7.69 22.07 -12.12
N SER A 256 -7.27 20.92 -11.58
CA SER A 256 -6.26 20.07 -12.21
C SER A 256 -4.96 20.82 -12.51
N GLY A 257 -4.44 21.52 -11.51
CA GLY A 257 -3.23 22.30 -11.68
C GLY A 257 -2.71 22.84 -10.36
N SER A 258 -1.43 23.21 -10.34
CA SER A 258 -0.82 23.74 -9.13
C SER A 258 0.43 24.54 -9.45
N ALA A 259 0.85 25.38 -8.50
CA ALA A 259 2.09 26.12 -8.63
C ALA A 259 3.31 25.25 -8.30
N LEU A 260 3.07 23.97 -8.02
CA LEU A 260 4.12 23.08 -7.52
C LEU A 260 4.53 21.99 -8.51
N SER A 261 3.75 21.80 -9.56
CA SER A 261 4.10 20.81 -10.59
C SER A 261 5.39 21.23 -11.27
N SER A 262 6.08 20.27 -11.86
CA SER A 262 7.40 20.50 -12.46
C SER A 262 7.36 21.52 -13.59
N TRP A 263 6.20 21.67 -14.22
CA TRP A 263 6.07 22.53 -15.39
C TRP A 263 5.30 23.82 -15.09
N ALA A 264 5.16 24.16 -13.81
CA ALA A 264 4.42 25.35 -13.43
C ALA A 264 5.33 26.57 -13.43
N VAL A 265 6.57 26.36 -13.03
CA VAL A 265 7.54 27.46 -12.94
C VAL A 265 8.81 27.10 -13.69
N ASN A 266 9.34 28.06 -14.43
CA ASN A 266 10.57 27.85 -15.19
C ASN A 266 11.77 28.32 -14.37
N TYR A 267 12.61 27.37 -13.96
CA TYR A 267 13.75 27.69 -13.11
C TYR A 267 15.03 27.88 -13.91
N GLN A 268 14.91 27.88 -15.23
CA GLN A 268 16.03 28.18 -16.12
C GLN A 268 15.70 29.15 -17.25
N PRO A 269 15.07 30.29 -16.93
CA PRO A 269 14.69 31.21 -18.01
C PRO A 269 15.90 31.72 -18.78
N VAL A 270 16.99 31.97 -18.07
CA VAL A 270 18.24 32.45 -18.68
C VAL A 270 18.74 31.51 -19.77
N LYS A 271 18.69 30.20 -19.51
CA LYS A 271 19.17 29.21 -20.45
C LYS A 271 18.37 29.19 -21.74
N TYR A 272 17.05 29.17 -21.63
CA TYR A 272 16.18 29.06 -22.79
C TYR A 272 16.01 30.37 -23.56
N THR A 273 16.15 31.50 -22.88
CA THR A 273 16.06 32.80 -23.54
C THR A 273 17.25 33.02 -24.47
N SER A 274 18.45 32.67 -24.00
CA SER A 274 19.66 32.80 -24.80
C SER A 274 19.62 31.88 -26.01
N LEU A 275 19.02 30.70 -25.81
CA LEU A 275 18.82 29.76 -26.92
C LEU A 275 17.97 30.41 -28.00
N LEU A 276 16.93 31.12 -27.57
CA LEU A 276 16.09 31.88 -28.49
C LEU A 276 16.90 32.97 -29.19
N ALA A 277 17.69 33.69 -28.40
CA ALA A 277 18.51 34.79 -28.91
C ALA A 277 19.42 34.34 -30.05
N ASP A 278 20.05 33.18 -29.87
CA ASP A 278 20.93 32.64 -30.89
C ASP A 278 20.17 32.27 -32.16
N LYS A 279 19.00 31.65 -32.00
CA LYS A 279 18.20 31.21 -33.13
C LYS A 279 17.75 32.36 -34.03
N VAL A 280 17.34 33.47 -33.42
CA VAL A 280 16.91 34.62 -34.20
C VAL A 280 18.08 35.52 -34.55
N GLY A 281 19.27 35.16 -34.07
CA GLY A 281 20.45 35.95 -34.36
C GLY A 281 20.43 37.29 -33.65
N CYS A 282 19.90 37.31 -32.43
CA CYS A 282 19.80 38.55 -31.66
C CYS A 282 20.81 38.53 -30.53
N ASN A 283 21.94 37.89 -30.79
CA ASN A 283 23.00 37.75 -29.79
C ASN A 283 23.88 39.00 -29.75
N VAL A 284 23.88 39.66 -28.60
CA VAL A 284 24.70 40.86 -28.38
C VAL A 284 25.25 40.87 -26.95
N LEU A 285 26.16 41.80 -26.69
CA LEU A 285 26.86 41.89 -25.41
C LEU A 285 25.96 42.21 -24.21
N ASP A 286 25.11 43.23 -24.33
CA ASP A 286 24.24 43.64 -23.22
C ASP A 286 22.83 43.06 -23.30
N THR A 287 22.40 42.43 -22.21
CA THR A 287 21.08 41.82 -22.13
C THR A 287 20.02 42.87 -22.45
N VAL A 288 20.26 44.10 -22.02
CA VAL A 288 19.36 45.21 -22.33
C VAL A 288 19.26 45.41 -23.84
N ASP A 289 20.41 45.30 -24.50
CA ASP A 289 20.49 45.48 -25.95
C ASP A 289 19.84 44.32 -26.73
N MET A 290 20.01 43.09 -26.24
CA MET A 290 19.44 41.92 -26.93
C MET A 290 17.91 41.88 -26.80
N VAL A 291 17.39 42.38 -25.69
CA VAL A 291 15.95 42.47 -25.51
C VAL A 291 15.41 43.48 -26.52
N ASP A 292 16.16 44.56 -26.71
CA ASP A 292 15.81 45.58 -27.69
C ASP A 292 15.85 44.98 -29.09
N CYS A 293 16.82 44.11 -29.34
CA CYS A 293 16.95 43.44 -30.62
C CYS A 293 15.74 42.55 -30.89
N LEU A 294 15.26 41.89 -29.83
CA LEU A 294 14.09 41.03 -29.90
C LEU A 294 12.83 41.84 -30.23
N ARG A 295 12.82 43.10 -29.82
CA ARG A 295 11.70 44.00 -30.08
C ARG A 295 11.55 44.28 -31.58
N GLN A 296 12.67 44.31 -32.28
CA GLN A 296 12.68 44.57 -33.72
C GLN A 296 12.10 43.41 -34.53
N LYS A 297 12.31 42.19 -34.04
CA LYS A 297 11.85 41.01 -34.75
C LYS A 297 10.33 40.97 -34.86
N SER A 298 9.85 40.34 -35.93
CA SER A 298 8.41 40.13 -36.07
C SER A 298 7.90 39.26 -34.93
N ALA A 299 6.67 39.50 -34.52
CA ALA A 299 6.03 38.70 -33.48
C ALA A 299 5.94 37.24 -33.90
N LYS A 300 5.76 37.02 -35.20
CA LYS A 300 5.63 35.68 -35.74
C LYS A 300 6.91 34.88 -35.47
N GLU A 301 8.07 35.50 -35.69
CA GLU A 301 9.36 34.80 -35.57
C GLU A 301 9.60 34.21 -34.19
N LEU A 302 9.34 35.02 -33.17
CA LEU A 302 9.62 34.63 -31.80
C LEU A 302 8.81 33.40 -31.40
N VAL A 303 7.59 33.33 -31.92
CA VAL A 303 6.69 32.21 -31.64
C VAL A 303 7.13 30.90 -32.31
N GLU A 304 7.41 30.94 -33.61
CA GLU A 304 7.63 29.72 -34.40
C GLU A 304 8.81 28.88 -33.93
N GLN A 305 9.80 29.53 -33.33
CA GLN A 305 11.04 28.86 -32.93
C GLN A 305 10.81 27.57 -32.17
N ASP A 306 11.56 26.54 -32.55
CA ASP A 306 11.46 25.23 -31.92
C ASP A 306 12.45 25.17 -30.77
N ILE A 307 12.00 25.55 -29.58
CA ILE A 307 12.84 25.52 -28.40
C ILE A 307 12.23 24.56 -27.40
N GLN A 308 12.73 23.33 -27.40
CA GLN A 308 12.18 22.30 -26.55
C GLN A 308 12.92 22.27 -25.22
N PRO A 309 12.16 22.28 -24.12
CA PRO A 309 12.72 22.19 -22.77
C PRO A 309 12.99 20.74 -22.38
N ALA A 310 13.57 20.53 -21.21
CA ALA A 310 13.70 19.18 -20.67
C ALA A 310 12.30 18.61 -20.49
N ARG A 311 12.18 17.29 -20.61
CA ARG A 311 10.87 16.64 -20.54
C ARG A 311 10.14 16.99 -19.25
N TYR A 312 8.83 17.20 -19.36
CA TYR A 312 7.96 17.57 -18.24
C TYR A 312 8.32 18.93 -17.64
N HIS A 313 9.13 19.70 -18.36
CA HIS A 313 9.46 21.06 -17.95
C HIS A 313 9.03 22.05 -19.02
N VAL A 314 9.20 23.34 -18.73
CA VAL A 314 8.79 24.39 -19.66
C VAL A 314 9.96 25.33 -19.99
N ALA A 315 10.06 25.71 -21.25
CA ALA A 315 11.12 26.60 -21.70
C ALA A 315 10.72 28.06 -21.47
N PHE A 316 9.44 28.37 -21.71
CA PHE A 316 8.94 29.71 -21.44
C PHE A 316 7.68 29.69 -20.58
N GLY A 317 7.80 30.23 -19.38
CA GLY A 317 6.69 30.27 -18.44
C GLY A 317 7.03 31.17 -17.27
N PRO A 318 6.18 31.18 -16.25
CA PRO A 318 6.39 32.01 -15.05
C PRO A 318 7.75 31.77 -14.41
N VAL A 319 8.38 32.85 -13.96
CA VAL A 319 9.68 32.75 -13.30
C VAL A 319 9.60 33.38 -11.92
N ILE A 320 10.58 33.04 -11.08
CA ILE A 320 10.66 33.63 -9.76
C ILE A 320 11.51 34.90 -9.84
N ASP A 321 10.83 36.01 -10.07
CA ASP A 321 11.46 37.29 -10.36
C ASP A 321 11.76 38.11 -9.11
N GLY A 322 11.15 37.71 -7.99
CA GLY A 322 11.33 38.42 -6.74
C GLY A 322 10.33 39.54 -6.58
N ASP A 323 9.51 39.75 -7.60
CA ASP A 323 8.49 40.80 -7.59
C ASP A 323 7.10 40.19 -7.63
N VAL A 324 6.67 39.75 -8.81
CA VAL A 324 5.38 39.09 -8.97
C VAL A 324 5.39 37.76 -8.22
N ILE A 325 6.45 36.99 -8.42
CA ILE A 325 6.68 35.77 -7.66
C ILE A 325 7.92 35.96 -6.78
N PRO A 326 7.71 36.45 -5.55
CA PRO A 326 8.81 36.85 -4.64
C PRO A 326 9.70 35.69 -4.21
N ASP A 327 9.19 34.47 -4.22
CA ASP A 327 9.98 33.32 -3.80
C ASP A 327 9.44 32.02 -4.38
N ASP A 328 10.11 30.91 -4.04
CA ASP A 328 9.64 29.59 -4.43
C ASP A 328 8.19 29.41 -3.99
N PRO A 329 7.30 29.01 -4.93
CA PRO A 329 5.86 28.98 -4.68
C PRO A 329 5.47 28.25 -3.40
N GLU A 330 6.17 27.17 -3.08
CA GLU A 330 5.89 26.41 -1.87
C GLU A 330 6.16 27.24 -0.62
N ILE A 331 7.26 27.99 -0.64
CA ILE A 331 7.61 28.86 0.48
C ILE A 331 6.54 29.92 0.68
N LEU A 332 6.03 30.46 -0.42
CA LEU A 332 4.98 31.47 -0.37
C LEU A 332 3.70 30.93 0.27
N MET A 333 3.43 29.64 0.05
CA MET A 333 2.27 29.00 0.64
C MET A 333 2.41 28.90 2.16
N GLU A 334 3.62 28.60 2.61
CA GLU A 334 3.90 28.50 4.04
C GLU A 334 3.75 29.87 4.72
N GLN A 335 4.18 30.92 4.03
CA GLN A 335 4.12 32.27 4.58
C GLN A 335 2.68 32.74 4.80
N GLY A 336 1.73 32.12 4.12
CA GLY A 336 0.33 32.43 4.35
C GLY A 336 -0.28 33.50 3.48
N GLU A 337 0.32 33.76 2.33
CA GLU A 337 -0.16 34.81 1.42
C GLU A 337 -1.58 34.56 0.91
N PHE A 338 -1.85 33.32 0.49
CA PHE A 338 -3.13 32.98 -0.14
C PHE A 338 -4.21 32.52 0.85
N LEU A 339 -3.97 32.67 2.15
CA LEU A 339 -4.97 32.26 3.14
C LEU A 339 -6.21 33.16 3.16
N ASN A 340 -6.12 34.34 2.56
CA ASN A 340 -7.25 35.27 2.59
C ASN A 340 -8.19 35.05 1.41
N TYR A 341 -7.99 33.92 0.72
CA TYR A 341 -8.87 33.54 -0.37
C TYR A 341 -9.66 32.28 0.01
N ASP A 342 -10.94 32.25 -0.35
CA ASP A 342 -11.69 31.01 -0.29
C ASP A 342 -11.24 30.18 -1.48
N ILE A 343 -10.80 28.95 -1.25
CA ILE A 343 -10.22 28.17 -2.34
C ILE A 343 -10.86 26.80 -2.49
N MET A 344 -11.16 26.46 -3.73
CA MET A 344 -11.70 25.14 -4.07
C MET A 344 -10.82 24.53 -5.15
N LEU A 345 -10.38 23.30 -4.95
CA LEU A 345 -9.48 22.68 -5.91
C LEU A 345 -9.69 21.18 -5.98
N GLY A 346 -9.19 20.56 -7.05
CA GLY A 346 -9.34 19.13 -7.23
C GLY A 346 -8.63 18.57 -8.44
N VAL A 347 -8.76 17.27 -8.63
CA VAL A 347 -8.12 16.56 -9.74
C VAL A 347 -9.04 15.53 -10.37
N ASN A 348 -8.63 14.99 -11.52
CA ASN A 348 -9.40 13.96 -12.20
C ASN A 348 -8.80 12.58 -11.96
N GLN A 349 -9.62 11.56 -12.09
CA GLN A 349 -9.21 10.17 -11.86
C GLN A 349 -7.99 9.76 -12.70
N GLY A 350 -8.01 10.07 -13.98
CA GLY A 350 -6.96 9.66 -14.90
C GLY A 350 -6.33 10.80 -15.68
N GLU A 351 -5.80 11.79 -14.97
CA GLU A 351 -5.17 12.95 -15.59
C GLU A 351 -4.06 12.58 -16.57
N GLY A 352 -3.11 11.77 -16.11
CA GLY A 352 -1.90 11.47 -16.86
C GLY A 352 -2.02 10.50 -18.02
N LEU A 353 -3.18 10.48 -18.66
CA LEU A 353 -3.45 9.59 -19.80
C LEU A 353 -2.33 9.50 -20.82
N LYS A 354 -1.82 10.65 -21.25
CA LYS A 354 -0.81 10.74 -22.30
C LYS A 354 0.56 10.18 -21.88
N PHE A 355 0.73 9.92 -20.60
CA PHE A 355 1.97 9.37 -20.08
C PHE A 355 2.22 7.94 -20.57
N VAL A 356 1.14 7.18 -20.76
CA VAL A 356 1.25 5.77 -21.12
C VAL A 356 0.67 5.44 -22.50
N GLU A 357 0.01 6.41 -23.12
CA GLU A 357 -0.74 6.17 -24.35
C GLU A 357 0.11 5.57 -25.47
N GLY A 358 1.38 5.96 -25.52
CA GLY A 358 2.31 5.45 -26.51
C GLY A 358 2.54 3.95 -26.42
N VAL A 359 2.38 3.41 -25.22
CA VAL A 359 2.89 2.09 -24.90
C VAL A 359 1.76 1.06 -24.74
N VAL A 360 0.53 1.50 -24.99
CA VAL A 360 -0.62 0.60 -24.86
C VAL A 360 -0.84 -0.23 -26.13
N ASP A 361 -0.83 -1.55 -25.97
CA ASP A 361 -1.02 -2.46 -27.10
C ASP A 361 -2.52 -2.57 -27.45
N PRO A 362 -2.85 -3.20 -28.60
CA PRO A 362 -4.27 -3.31 -28.97
C PRO A 362 -5.15 -4.03 -27.94
N GLU A 363 -4.57 -4.83 -27.06
CA GLU A 363 -5.33 -5.50 -26.01
C GLU A 363 -5.59 -4.60 -24.80
N ASP A 364 -5.14 -3.36 -24.90
CA ASP A 364 -5.34 -2.33 -23.86
C ASP A 364 -4.47 -2.60 -22.63
N GLY A 365 -3.35 -3.25 -22.84
CA GLY A 365 -2.44 -3.57 -21.75
C GLY A 365 -1.05 -3.02 -21.93
N VAL A 366 -0.25 -3.12 -20.88
CA VAL A 366 1.15 -2.71 -20.92
C VAL A 366 2.00 -3.89 -20.45
N SER A 367 3.06 -4.20 -21.20
CA SER A 367 3.93 -5.31 -20.85
C SER A 367 4.80 -4.95 -19.64
N GLY A 368 5.35 -5.98 -19.01
CA GLY A 368 6.22 -5.79 -17.86
C GLY A 368 7.51 -5.05 -18.21
N THR A 369 8.06 -5.36 -19.37
CA THR A 369 9.28 -4.69 -19.85
C THR A 369 8.98 -3.23 -20.13
N ASP A 370 7.82 -2.99 -20.73
CA ASP A 370 7.34 -1.65 -21.02
C ASP A 370 7.09 -0.87 -19.74
N PHE A 371 6.56 -1.56 -18.73
CA PHE A 371 6.31 -0.96 -17.43
C PHE A 371 7.64 -0.51 -16.81
N ASP A 372 8.61 -1.42 -16.78
CA ASP A 372 9.94 -1.13 -16.25
C ASP A 372 10.61 0.01 -17.00
N TYR A 373 10.38 0.08 -18.30
CA TYR A 373 10.96 1.12 -19.15
C TYR A 373 10.42 2.50 -18.78
N SER A 374 9.10 2.61 -18.73
CA SER A 374 8.43 3.88 -18.45
C SER A 374 8.76 4.40 -17.05
N VAL A 375 8.75 3.50 -16.08
CA VAL A 375 9.07 3.86 -14.70
C VAL A 375 10.49 4.39 -14.59
N SER A 376 11.42 3.73 -15.27
CA SER A 376 12.81 4.16 -15.24
C SER A 376 13.00 5.51 -15.94
N ASN A 377 12.42 5.64 -17.13
CA ASN A 377 12.45 6.89 -17.88
C ASN A 377 11.84 8.04 -17.08
N PHE A 378 10.78 7.73 -16.34
CA PHE A 378 10.14 8.70 -15.48
C PHE A 378 11.15 9.19 -14.44
N VAL A 379 11.84 8.25 -13.80
CA VAL A 379 12.84 8.59 -12.80
C VAL A 379 13.99 9.38 -13.43
N ASP A 380 14.30 9.08 -14.68
CA ASP A 380 15.37 9.76 -15.41
C ASP A 380 15.07 11.26 -15.58
N ASN A 381 13.89 11.55 -16.10
CA ASN A 381 13.49 12.92 -16.43
C ASN A 381 13.24 13.80 -15.21
N LEU A 382 12.55 13.26 -14.21
CA LEU A 382 12.18 14.04 -13.04
C LEU A 382 13.32 14.19 -12.02
N TYR A 383 14.09 13.13 -11.80
CA TYR A 383 15.07 13.13 -10.72
C TYR A 383 16.53 13.21 -11.19
N GLY A 384 16.76 12.99 -12.48
CA GLY A 384 18.06 13.27 -13.07
C GLY A 384 19.28 12.51 -12.56
N TYR A 385 19.17 11.18 -12.50
CA TYR A 385 20.29 10.30 -12.14
C TYR A 385 21.09 10.66 -10.88
N PRO A 386 20.41 10.94 -9.75
CA PRO A 386 21.18 11.26 -8.54
C PRO A 386 21.63 10.00 -7.78
N GLU A 387 22.35 10.19 -6.68
CA GLU A 387 22.81 9.07 -5.87
C GLU A 387 21.64 8.29 -5.28
N GLY A 388 21.68 6.97 -5.39
CA GLY A 388 20.62 6.13 -4.86
C GLY A 388 19.43 6.05 -5.80
N LYS A 389 19.62 6.49 -7.04
CA LYS A 389 18.57 6.45 -8.05
C LYS A 389 18.07 5.04 -8.28
N ASP A 390 19.00 4.08 -8.22
CA ASP A 390 18.66 2.68 -8.42
C ASP A 390 17.75 2.21 -7.29
N THR A 391 17.99 2.70 -6.08
CA THR A 391 17.18 2.35 -4.92
C THR A 391 15.76 2.91 -5.01
N LEU A 392 15.64 4.16 -5.45
CA LEU A 392 14.33 4.79 -5.61
C LEU A 392 13.52 4.12 -6.72
N ARG A 393 14.16 3.84 -7.85
CA ARG A 393 13.51 3.29 -9.03
C ARG A 393 12.75 2.02 -8.70
N GLU A 394 13.36 1.16 -7.91
CA GLU A 394 12.73 -0.09 -7.50
C GLU A 394 11.58 0.17 -6.54
N THR A 395 11.74 1.20 -5.71
CA THR A 395 10.70 1.56 -4.74
C THR A 395 9.46 2.12 -5.42
N ILE A 396 9.65 2.90 -6.48
CA ILE A 396 8.54 3.39 -7.28
C ILE A 396 7.81 2.21 -7.95
N LYS A 397 8.61 1.29 -8.48
CA LYS A 397 8.09 0.09 -9.14
C LYS A 397 7.18 -0.70 -8.21
N PHE A 398 7.61 -0.83 -6.95
CA PHE A 398 6.87 -1.61 -5.96
C PHE A 398 5.53 -0.98 -5.60
N MET A 399 5.53 0.33 -5.33
CA MET A 399 4.33 1.03 -4.88
C MET A 399 3.22 1.02 -5.92
N TYR A 400 3.59 1.04 -7.19
CA TYR A 400 2.60 1.08 -8.26
C TYR A 400 2.49 -0.26 -8.99
N THR A 401 2.79 -1.33 -8.27
CA THR A 401 2.48 -2.68 -8.74
C THR A 401 1.32 -3.24 -7.94
N ASP A 402 0.30 -3.75 -8.62
CA ASP A 402 -0.80 -4.40 -7.93
C ASP A 402 -0.41 -5.85 -7.65
N TRP A 403 0.03 -6.12 -6.44
CA TRP A 403 0.50 -7.44 -6.06
C TRP A 403 -0.64 -8.44 -5.86
N ALA A 404 -1.88 -7.95 -5.96
CA ALA A 404 -3.04 -8.83 -5.90
C ALA A 404 -3.43 -9.26 -7.31
N ASP A 405 -2.77 -8.67 -8.31
CA ASP A 405 -2.97 -9.04 -9.71
C ASP A 405 -1.73 -8.63 -10.50
N ARG A 406 -0.62 -9.28 -10.18
CA ARG A 406 0.70 -8.93 -10.70
C ARG A 406 0.81 -8.97 -12.21
N ASP A 407 0.27 -10.03 -12.81
CA ASP A 407 0.44 -10.28 -14.24
C ASP A 407 -0.47 -9.46 -15.16
N ASN A 408 -1.62 -9.04 -14.64
CA ASN A 408 -2.63 -8.32 -15.44
C ASN A 408 -2.07 -7.10 -16.16
N PRO A 409 -2.05 -7.15 -17.51
CA PRO A 409 -1.53 -6.06 -18.35
C PRO A 409 -2.41 -4.81 -18.33
N GLU A 410 -3.71 -4.99 -18.20
CA GLU A 410 -4.62 -3.85 -18.15
C GLU A 410 -4.45 -3.04 -16.87
N THR A 411 -4.35 -3.75 -15.74
CA THR A 411 -4.15 -3.11 -14.45
C THR A 411 -2.78 -2.44 -14.42
N ARG A 412 -1.82 -3.06 -15.09
CA ARG A 412 -0.47 -2.51 -15.21
C ARG A 412 -0.52 -1.14 -15.88
N ARG A 413 -1.43 -1.01 -16.85
CA ARG A 413 -1.67 0.27 -17.52
C ARG A 413 -2.25 1.31 -16.56
N LYS A 414 -3.24 0.89 -15.78
CA LYS A 414 -3.92 1.78 -14.84
C LYS A 414 -2.97 2.38 -13.83
N THR A 415 -2.10 1.54 -13.26
CA THR A 415 -1.13 1.99 -12.27
C THR A 415 -0.13 2.96 -12.89
N LEU A 416 0.21 2.71 -14.16
CA LEU A 416 1.17 3.55 -14.87
C LEU A 416 0.62 4.95 -15.08
N VAL A 417 -0.66 5.05 -15.39
CA VAL A 417 -1.33 6.34 -15.49
C VAL A 417 -1.39 6.96 -14.10
N ALA A 418 -1.72 6.14 -13.12
CA ALA A 418 -1.86 6.57 -11.74
C ALA A 418 -0.55 7.13 -11.21
N LEU A 419 0.57 6.54 -11.62
CA LEU A 419 1.88 6.99 -11.21
C LEU A 419 2.06 8.45 -11.61
N PHE A 420 1.74 8.76 -12.86
CA PHE A 420 1.92 10.11 -13.40
C PHE A 420 0.87 11.06 -12.87
N THR A 421 -0.38 10.61 -12.78
CA THR A 421 -1.46 11.41 -12.24
C THR A 421 -1.18 11.84 -10.80
N ASP A 422 -0.74 10.89 -9.97
CA ASP A 422 -0.44 11.18 -8.57
C ASP A 422 0.69 12.19 -8.43
N HIS A 423 1.78 11.96 -9.14
CA HIS A 423 2.99 12.75 -8.99
C HIS A 423 2.85 14.18 -9.51
N GLN A 424 2.21 14.35 -10.67
CA GLN A 424 2.11 15.66 -11.30
C GLN A 424 0.91 16.46 -10.83
N TRP A 425 -0.15 15.77 -10.39
CA TRP A 425 -1.39 16.46 -10.06
C TRP A 425 -1.83 16.27 -8.61
N VAL A 426 -2.04 15.02 -8.20
CA VAL A 426 -2.66 14.75 -6.91
C VAL A 426 -1.83 15.25 -5.73
N GLU A 427 -0.58 14.80 -5.63
CA GLU A 427 0.29 15.21 -4.53
C GLU A 427 0.50 16.73 -4.48
N PRO A 428 0.81 17.36 -5.63
CA PRO A 428 0.97 18.83 -5.55
C PRO A 428 -0.33 19.55 -5.17
N SER A 429 -1.46 19.07 -5.68
CA SER A 429 -2.75 19.66 -5.34
C SER A 429 -3.07 19.49 -3.86
N VAL A 430 -2.83 18.28 -3.36
CA VAL A 430 -3.10 17.97 -1.96
C VAL A 430 -2.22 18.80 -1.03
N VAL A 431 -0.94 18.92 -1.35
CA VAL A 431 -0.02 19.75 -0.58
C VAL A 431 -0.54 21.18 -0.52
N THR A 432 -1.06 21.66 -1.63
CA THR A 432 -1.66 22.99 -1.70
C THR A 432 -2.88 23.08 -0.79
N ALA A 433 -3.77 22.09 -0.91
CA ALA A 433 -5.00 22.06 -0.11
C ALA A 433 -4.70 21.99 1.38
N ASP A 434 -3.64 21.27 1.73
CA ASP A 434 -3.21 21.15 3.12
C ASP A 434 -2.70 22.50 3.65
N LEU A 435 -1.81 23.13 2.90
CA LEU A 435 -1.19 24.39 3.29
C LEU A 435 -2.19 25.55 3.36
N HIS A 436 -3.25 25.47 2.56
CA HIS A 436 -4.27 26.50 2.58
C HIS A 436 -5.25 26.34 3.75
N ALA A 437 -5.53 25.09 4.13
CA ALA A 437 -6.50 24.82 5.18
C ALA A 437 -5.82 24.66 6.54
N ARG A 438 -4.54 25.00 6.59
CA ARG A 438 -3.72 24.80 7.78
C ARG A 438 -4.29 25.49 9.01
N TYR A 439 -4.81 26.71 8.83
CA TYR A 439 -5.35 27.48 9.95
C TYR A 439 -6.86 27.63 9.89
N GLY A 440 -7.51 26.71 9.18
CA GLY A 440 -8.96 26.65 9.16
C GLY A 440 -9.65 27.50 8.10
N SER A 441 -8.86 28.27 7.33
CA SER A 441 -9.41 29.08 6.25
C SER A 441 -10.12 28.20 5.23
N PRO A 442 -11.26 28.67 4.70
CA PRO A 442 -12.16 27.83 3.90
C PRO A 442 -11.49 27.17 2.70
N THR A 443 -11.53 25.84 2.66
CA THR A 443 -10.93 25.07 1.59
C THR A 443 -11.84 23.92 1.19
N TYR A 444 -11.89 23.61 -0.10
CA TYR A 444 -12.67 22.48 -0.58
C TYR A 444 -11.91 21.68 -1.62
N PHE A 445 -11.96 20.35 -1.49
CA PHE A 445 -11.23 19.47 -2.39
C PHE A 445 -12.19 18.51 -3.10
N TYR A 446 -11.84 18.14 -4.33
CA TYR A 446 -12.65 17.20 -5.08
C TYR A 446 -11.79 16.23 -5.91
N ALA A 447 -12.42 15.13 -6.31
CA ALA A 447 -11.83 14.21 -7.26
C ALA A 447 -12.86 13.89 -8.34
N PHE A 448 -12.55 14.23 -9.58
CA PHE A 448 -13.52 14.12 -10.66
C PHE A 448 -13.48 12.73 -11.29
N TYR A 449 -14.53 11.95 -11.05
CA TYR A 449 -14.58 10.56 -11.50
C TYR A 449 -15.65 10.33 -12.56
N HIS A 450 -15.80 11.27 -13.49
CA HIS A 450 -16.73 11.08 -14.59
C HIS A 450 -16.27 11.85 -15.83
N HIS A 451 -16.68 11.37 -16.99
CA HIS A 451 -16.33 12.01 -18.25
C HIS A 451 -17.28 11.56 -19.34
N CYS A 452 -17.36 12.32 -20.41
CA CYS A 452 -18.25 12.00 -21.52
C CYS A 452 -17.68 10.89 -22.39
N GLN A 453 -18.57 10.16 -23.06
CA GLN A 453 -18.14 9.14 -23.99
C GLN A 453 -17.93 9.79 -25.36
N SER A 454 -16.79 9.51 -25.98
CA SER A 454 -16.42 10.15 -27.23
C SER A 454 -15.29 9.40 -27.94
N LEU A 455 -14.98 9.81 -29.17
CA LEU A 455 -13.87 9.24 -29.92
C LEU A 455 -12.57 10.00 -29.68
N MET A 456 -12.65 11.07 -28.89
CA MET A 456 -11.49 11.90 -28.60
C MET A 456 -10.47 11.12 -27.76
N LYS A 457 -10.96 10.10 -27.07
CA LYS A 457 -10.19 9.43 -26.04
C LYS A 457 -10.46 7.93 -26.05
N PRO A 458 -9.43 7.11 -25.81
CA PRO A 458 -9.61 5.65 -25.76
C PRO A 458 -10.70 5.24 -24.76
N ALA A 459 -11.46 4.20 -25.11
CA ALA A 459 -12.64 3.81 -24.33
C ALA A 459 -12.30 3.32 -22.93
N TRP A 460 -11.08 2.85 -22.73
CA TRP A 460 -10.67 2.28 -21.45
C TRP A 460 -10.28 3.35 -20.42
N SER A 461 -10.13 4.58 -20.88
CA SER A 461 -9.63 5.67 -20.05
C SER A 461 -10.67 6.24 -19.07
N ASP A 462 -10.19 6.78 -17.97
CA ASP A 462 -11.03 7.49 -17.01
C ASP A 462 -11.02 8.97 -17.36
N ALA A 463 -11.56 9.79 -16.46
CA ALA A 463 -11.56 11.24 -16.65
C ALA A 463 -10.12 11.75 -16.82
N ALA A 464 -9.84 12.30 -18.00
CA ALA A 464 -8.48 12.74 -18.33
C ALA A 464 -8.35 14.24 -18.19
N HIS A 465 -7.17 14.76 -18.49
CA HIS A 465 -6.85 16.17 -18.31
C HIS A 465 -7.81 17.06 -19.10
N GLY A 466 -8.56 17.90 -18.40
CA GLY A 466 -9.48 18.82 -19.05
C GLY A 466 -10.89 18.28 -19.23
N ASP A 467 -11.09 17.01 -18.89
CA ASP A 467 -12.39 16.37 -19.10
C ASP A 467 -13.48 16.91 -18.16
N GLU A 468 -13.08 17.70 -17.16
CA GLU A 468 -14.05 18.31 -16.25
C GLU A 468 -14.61 19.62 -16.82
N VAL A 469 -13.86 20.22 -17.74
CA VAL A 469 -14.23 21.49 -18.36
C VAL A 469 -15.67 21.56 -18.95
N PRO A 470 -16.10 20.54 -19.73
CA PRO A 470 -17.43 20.68 -20.33
C PRO A 470 -18.56 20.76 -19.31
N TYR A 471 -18.40 20.10 -18.18
CA TYR A 471 -19.46 20.05 -17.16
C TYR A 471 -19.48 21.35 -16.36
N VAL A 472 -18.30 21.92 -16.15
CA VAL A 472 -18.18 23.21 -15.50
C VAL A 472 -18.89 24.30 -16.33
N PHE A 473 -18.75 24.21 -17.64
CA PHE A 473 -19.32 25.22 -18.54
C PHE A 473 -20.65 24.78 -19.16
N GLY A 474 -21.23 23.72 -18.62
CA GLY A 474 -22.58 23.30 -19.00
C GLY A 474 -22.78 22.95 -20.47
N VAL A 475 -21.79 22.32 -21.09
CA VAL A 475 -21.90 21.91 -22.48
C VAL A 475 -23.04 20.91 -22.76
N PRO A 476 -23.25 19.91 -21.88
CA PRO A 476 -24.38 18.98 -22.14
C PRO A 476 -25.73 19.67 -22.27
N MET A 477 -25.88 20.85 -21.67
CA MET A 477 -27.12 21.62 -21.76
C MET A 477 -27.39 22.14 -23.18
N VAL A 478 -26.33 22.26 -23.96
CA VAL A 478 -26.44 22.78 -25.33
C VAL A 478 -26.29 21.61 -26.31
N GLY A 479 -25.86 20.47 -25.80
CA GLY A 479 -25.60 19.31 -26.63
C GLY A 479 -24.23 19.39 -27.27
N PRO A 480 -23.92 18.42 -28.16
CA PRO A 480 -22.59 18.30 -28.78
C PRO A 480 -22.17 19.58 -29.52
N THR A 481 -20.93 20.00 -29.28
CA THR A 481 -20.38 21.17 -29.94
C THR A 481 -19.13 20.77 -30.72
N ASP A 482 -18.70 21.64 -31.63
CA ASP A 482 -17.53 21.40 -32.46
C ASP A 482 -16.29 21.07 -31.64
N LEU A 483 -16.19 21.66 -30.45
CA LEU A 483 -15.03 21.48 -29.59
C LEU A 483 -15.19 20.28 -28.67
N PHE A 484 -16.44 19.93 -28.36
CA PHE A 484 -16.73 18.75 -27.55
C PHE A 484 -17.75 17.84 -28.24
N PRO A 485 -17.28 17.00 -29.18
CA PRO A 485 -18.11 16.08 -29.96
C PRO A 485 -18.71 14.92 -29.17
N CYS A 486 -18.68 15.03 -27.83
CA CYS A 486 -19.20 14.02 -26.92
C CYS A 486 -20.65 13.66 -27.21
N ASN A 487 -21.03 12.41 -26.97
CA ASN A 487 -22.44 12.04 -27.07
C ASN A 487 -23.05 12.03 -25.66
N PHE A 488 -23.47 13.23 -25.23
CA PHE A 488 -23.97 13.47 -23.88
C PHE A 488 -25.31 12.78 -23.58
N SER A 489 -25.36 12.09 -22.46
CA SER A 489 -26.60 11.46 -22.01
C SER A 489 -27.36 12.38 -21.05
N LYS A 490 -28.52 11.94 -20.61
CA LYS A 490 -29.30 12.66 -19.59
C LYS A 490 -28.52 12.72 -18.29
N ASN A 491 -27.74 11.68 -18.03
CA ASN A 491 -26.89 11.62 -16.84
C ASN A 491 -25.83 12.70 -16.87
N ASP A 492 -25.32 12.98 -18.08
CA ASP A 492 -24.31 14.03 -18.26
C ASP A 492 -24.89 15.40 -17.94
N VAL A 493 -26.10 15.65 -18.42
CA VAL A 493 -26.80 16.91 -18.14
C VAL A 493 -27.04 17.09 -16.65
N MET A 494 -27.48 16.01 -16.00
CA MET A 494 -27.80 16.03 -14.58
C MET A 494 -26.58 16.40 -13.74
N LEU A 495 -25.45 15.78 -14.06
CA LEU A 495 -24.20 16.05 -13.36
C LEU A 495 -23.70 17.47 -13.63
N SER A 496 -23.84 17.92 -14.87
CA SER A 496 -23.39 19.24 -15.27
C SER A 496 -24.12 20.33 -14.49
N ALA A 497 -25.43 20.15 -14.31
CA ALA A 497 -26.23 21.02 -13.48
C ALA A 497 -25.69 21.06 -12.06
N VAL A 498 -25.31 19.88 -11.56
CA VAL A 498 -24.77 19.74 -10.21
C VAL A 498 -23.43 20.45 -10.07
N VAL A 499 -22.51 20.18 -10.99
CA VAL A 499 -21.19 20.78 -10.96
C VAL A 499 -21.28 22.31 -11.03
N MET A 500 -22.11 22.82 -11.93
CA MET A 500 -22.30 24.26 -12.04
C MET A 500 -22.92 24.84 -10.77
N THR A 501 -23.85 24.10 -10.17
CA THR A 501 -24.52 24.55 -8.97
C THR A 501 -23.51 24.67 -7.82
N TYR A 502 -22.64 23.67 -7.69
CA TYR A 502 -21.53 23.74 -6.74
C TYR A 502 -20.63 24.92 -7.03
N TRP A 503 -20.24 25.05 -8.29
CA TRP A 503 -19.29 26.05 -8.73
C TRP A 503 -19.80 27.49 -8.53
N THR A 504 -21.01 27.77 -8.99
CA THR A 504 -21.55 29.11 -8.87
C THR A 504 -21.87 29.45 -7.42
N ASN A 505 -22.29 28.45 -6.65
CA ASN A 505 -22.57 28.66 -5.22
C ASN A 505 -21.33 29.13 -4.49
N PHE A 506 -20.20 28.50 -4.80
CA PHE A 506 -18.92 28.89 -4.22
C PHE A 506 -18.62 30.34 -4.56
N ALA A 507 -18.92 30.73 -5.79
CA ALA A 507 -18.69 32.11 -6.24
C ALA A 507 -19.53 33.10 -5.44
N LYS A 508 -20.78 32.74 -5.19
CA LYS A 508 -21.70 33.62 -4.47
C LYS A 508 -21.39 33.76 -2.98
N THR A 509 -21.14 32.64 -2.30
CA THR A 509 -21.01 32.67 -0.84
C THR A 509 -19.73 32.08 -0.27
N GLY A 510 -18.88 31.51 -1.12
CA GLY A 510 -17.68 30.87 -0.64
C GLY A 510 -17.98 29.48 -0.08
N ASP A 511 -19.22 29.05 -0.26
CA ASP A 511 -19.66 27.74 0.21
C ASP A 511 -20.40 27.05 -0.95
N PRO A 512 -19.92 25.86 -1.33
CA PRO A 512 -20.48 25.10 -2.46
C PRO A 512 -21.96 24.76 -2.26
N ASN A 513 -22.41 24.76 -1.01
CA ASN A 513 -23.74 24.28 -0.67
C ASN A 513 -24.77 25.39 -0.56
N LYS A 514 -24.30 26.64 -0.47
CA LYS A 514 -25.18 27.78 -0.27
C LYS A 514 -25.05 28.80 -1.41
N PRO A 515 -26.17 29.41 -1.82
CA PRO A 515 -27.51 29.23 -1.26
C PRO A 515 -28.37 28.20 -1.99
N VAL A 516 -28.00 27.84 -3.21
CA VAL A 516 -28.81 26.94 -4.03
C VAL A 516 -28.57 25.47 -3.70
N PRO A 517 -29.59 24.80 -3.14
CA PRO A 517 -29.49 23.38 -2.78
C PRO A 517 -29.63 22.46 -4.00
N GLN A 518 -29.08 21.25 -3.90
CA GLN A 518 -29.16 20.26 -4.97
C GLN A 518 -30.52 19.57 -5.06
N ASP A 519 -31.07 19.55 -6.28
CA ASP A 519 -32.39 18.99 -6.54
C ASP A 519 -32.34 18.07 -7.75
N VAL A 533 -26.36 15.43 -0.99
CA VAL A 533 -24.98 15.43 -0.51
C VAL A 533 -24.47 16.83 -0.20
N ALA A 534 -23.81 16.97 0.93
CA ALA A 534 -23.20 18.24 1.34
C ALA A 534 -21.68 18.20 1.17
N TRP A 535 -21.14 19.17 0.44
CA TRP A 535 -19.70 19.20 0.17
C TRP A 535 -18.97 19.74 1.41
N SER A 536 -18.32 18.84 2.14
CA SER A 536 -17.67 19.19 3.38
C SER A 536 -16.36 19.93 3.19
N LYS A 537 -16.03 20.79 4.14
CA LYS A 537 -14.79 21.56 4.13
C LYS A 537 -13.58 20.64 4.28
N TYR A 538 -12.46 21.01 3.64
CA TYR A 538 -11.26 20.19 3.70
C TYR A 538 -10.28 20.74 4.73
N ASN A 539 -9.86 19.87 5.64
CA ASN A 539 -8.80 20.20 6.60
C ASN A 539 -7.77 19.08 6.63
N PRO A 540 -6.52 19.40 7.01
CA PRO A 540 -5.41 18.43 6.97
C PRO A 540 -5.64 17.15 7.79
N ARG A 541 -6.38 17.23 8.90
CA ARG A 541 -6.62 16.05 9.71
C ARG A 541 -7.71 15.14 9.16
N ASP A 542 -8.88 15.69 8.91
CA ASP A 542 -10.01 14.91 8.41
C ASP A 542 -9.83 14.53 6.94
N GLN A 543 -9.31 15.48 6.15
CA GLN A 543 -9.06 15.28 4.73
C GLN A 543 -10.31 14.85 3.96
N LEU A 544 -11.42 15.54 4.17
CA LEU A 544 -12.65 15.23 3.45
C LEU A 544 -12.63 15.87 2.07
N TYR A 545 -13.07 15.11 1.07
CA TYR A 545 -13.11 15.59 -0.30
C TYR A 545 -14.39 15.12 -0.98
N LEU A 546 -14.80 15.81 -2.04
CA LEU A 546 -16.00 15.41 -2.77
C LEU A 546 -15.68 14.56 -3.99
N HIS A 547 -16.20 13.34 -4.02
CA HIS A 547 -16.06 12.46 -5.16
C HIS A 547 -17.13 12.83 -6.18
N ILE A 548 -16.74 13.52 -7.25
CA ILE A 548 -17.71 13.98 -8.23
C ILE A 548 -17.87 12.99 -9.40
N GLY A 549 -19.06 12.40 -9.46
CA GLY A 549 -19.42 11.49 -10.52
C GLY A 549 -20.92 11.37 -10.52
N LEU A 550 -21.45 10.48 -11.36
CA LEU A 550 -22.89 10.25 -11.43
C LEU A 550 -23.37 9.70 -10.08
N LYS A 551 -22.41 9.29 -9.27
CA LYS A 551 -22.69 8.74 -7.95
C LYS A 551 -21.92 9.57 -6.94
N PRO A 552 -22.48 10.73 -6.54
CA PRO A 552 -21.75 11.67 -5.68
C PRO A 552 -21.78 11.31 -4.20
N ARG A 553 -20.67 11.57 -3.50
CA ARG A 553 -20.53 11.22 -2.09
C ARG A 553 -19.29 11.88 -1.48
N VAL A 554 -19.29 12.03 -0.16
CA VAL A 554 -18.12 12.55 0.54
C VAL A 554 -17.21 11.39 0.95
N ARG A 555 -15.91 11.58 0.78
CA ARG A 555 -14.93 10.58 1.21
C ARG A 555 -13.77 11.28 1.90
N ASP A 556 -12.81 10.51 2.41
CA ASP A 556 -11.69 11.11 3.10
C ASP A 556 -10.34 10.55 2.64
N HIS A 557 -9.28 11.33 2.86
CA HIS A 557 -7.91 10.92 2.56
C HIS A 557 -7.73 10.38 1.15
N TYR A 558 -8.10 11.16 0.14
CA TYR A 558 -7.98 10.76 -1.25
C TYR A 558 -6.56 10.31 -1.59
N ARG A 559 -6.43 9.01 -1.89
CA ARG A 559 -5.14 8.40 -2.23
C ARG A 559 -4.03 8.80 -1.28
N ALA A 560 -4.34 8.83 0.01
CA ALA A 560 -3.42 9.34 1.02
C ALA A 560 -2.11 8.57 1.11
N THR A 561 -2.19 7.25 0.97
CA THR A 561 -1.01 6.40 1.02
C THR A 561 -0.05 6.73 -0.12
N LYS A 562 -0.60 6.93 -1.32
CA LYS A 562 0.20 7.34 -2.47
C LYS A 562 0.72 8.76 -2.29
N VAL A 563 -0.14 9.65 -1.81
CA VAL A 563 0.24 11.04 -1.56
C VAL A 563 1.37 11.13 -0.53
N ALA A 564 1.27 10.30 0.51
CA ALA A 564 2.28 10.27 1.56
C ALA A 564 3.63 9.78 1.02
N PHE A 565 3.57 8.85 0.08
CA PHE A 565 4.79 8.28 -0.51
C PHE A 565 5.62 9.35 -1.19
N TRP A 566 4.98 10.12 -2.06
CA TRP A 566 5.66 11.16 -2.82
C TRP A 566 6.11 12.31 -1.93
N LYS A 567 5.30 12.66 -0.94
CA LYS A 567 5.60 13.76 -0.04
C LYS A 567 6.67 13.43 0.99
N HIS A 568 6.57 12.26 1.60
CA HIS A 568 7.42 11.95 2.75
C HIS A 568 8.53 10.93 2.47
N LEU A 569 8.19 9.78 1.90
CA LEU A 569 9.18 8.71 1.72
C LEU A 569 10.17 9.01 0.60
N VAL A 570 9.66 9.43 -0.56
CA VAL A 570 10.51 9.70 -1.72
C VAL A 570 11.63 10.72 -1.47
N PRO A 571 11.33 11.84 -0.75
CA PRO A 571 12.44 12.75 -0.46
C PRO A 571 13.58 12.09 0.33
N HIS A 572 13.27 11.07 1.14
CA HIS A 572 14.28 10.33 1.90
C HIS A 572 15.18 9.40 1.10
N LEU A 573 14.60 8.68 0.14
CA LEU A 573 15.31 7.60 -0.56
C LEU A 573 16.65 8.02 -1.14
N TYR A 574 16.69 9.17 -1.81
CA TYR A 574 17.94 9.66 -2.35
C TYR A 574 18.41 10.90 -1.59
N ASN A 575 19.73 10.94 -1.32
CA ASN A 575 20.40 12.03 -0.62
C ASN A 575 19.58 12.70 0.48
N ALA B 3 -10.02 -54.07 29.40
CA ALA B 3 -8.58 -54.24 29.25
C ALA B 3 -8.17 -54.17 27.78
N PRO B 4 -7.98 -52.95 27.25
CA PRO B 4 -7.58 -52.74 25.85
C PRO B 4 -6.12 -53.12 25.61
N THR B 5 -5.90 -54.21 24.87
CA THR B 5 -4.55 -54.69 24.63
C THR B 5 -4.20 -54.70 23.15
N VAL B 6 -2.96 -54.33 22.83
CA VAL B 6 -2.48 -54.32 21.46
C VAL B 6 -1.09 -54.98 21.38
N ASN B 7 -0.88 -55.76 20.32
CA ASN B 7 0.39 -56.45 20.13
C ASN B 7 1.30 -55.63 19.23
N THR B 8 2.58 -55.51 19.59
CA THR B 8 3.53 -54.77 18.76
C THR B 8 4.79 -55.58 18.47
N HIS B 9 5.62 -55.03 17.59
CA HIS B 9 6.88 -55.65 17.19
C HIS B 9 7.89 -55.72 18.34
N PHE B 10 7.57 -55.07 19.45
CA PHE B 10 8.50 -55.00 20.58
C PHE B 10 7.87 -55.60 21.82
N GLY B 11 6.59 -55.94 21.73
CA GLY B 11 5.89 -56.58 22.83
C GLY B 11 4.45 -56.12 22.93
N LYS B 12 3.69 -56.79 23.80
CA LYS B 12 2.31 -56.41 24.03
C LYS B 12 2.24 -55.27 25.04
N LEU B 13 1.27 -54.38 24.90
CA LEU B 13 1.06 -53.33 25.88
C LEU B 13 -0.43 -53.06 26.10
N ARG B 14 -0.78 -52.75 27.34
CA ARG B 14 -2.16 -52.50 27.71
C ARG B 14 -2.40 -51.03 28.02
N GLY B 15 -3.35 -50.43 27.31
CA GLY B 15 -3.71 -49.05 27.53
C GLY B 15 -4.97 -48.98 28.38
N ALA B 16 -5.64 -47.83 28.35
CA ALA B 16 -6.85 -47.63 29.13
C ALA B 16 -7.93 -47.05 28.23
N ARG B 17 -9.16 -47.48 28.43
CA ARG B 17 -10.25 -46.93 27.66
C ARG B 17 -10.92 -45.84 28.47
N VAL B 18 -11.00 -44.65 27.89
CA VAL B 18 -11.52 -43.49 28.60
C VAL B 18 -12.71 -42.88 27.86
N PRO B 19 -13.81 -42.64 28.59
CA PRO B 19 -15.00 -42.06 27.95
C PRO B 19 -14.96 -40.54 27.97
N LEU B 20 -15.29 -39.92 26.85
CA LEU B 20 -15.29 -38.47 26.76
C LEU B 20 -16.49 -37.87 27.49
N PRO B 21 -16.30 -36.68 28.07
CA PRO B 21 -17.36 -35.98 28.80
C PRO B 21 -18.54 -35.67 27.89
N SER B 22 -18.24 -35.33 26.63
CA SER B 22 -19.31 -35.15 25.65
C SER B 22 -19.99 -36.48 25.39
N GLU B 23 -21.30 -36.49 25.52
CA GLU B 23 -22.10 -37.69 25.30
C GLU B 23 -22.07 -38.08 23.82
N ILE B 24 -22.10 -37.08 22.94
CA ILE B 24 -22.10 -37.30 21.50
C ILE B 24 -20.87 -38.06 21.02
N LEU B 25 -19.71 -37.71 21.56
CA LEU B 25 -18.44 -38.35 21.20
C LEU B 25 -18.26 -39.72 21.86
N GLY B 26 -17.85 -40.70 21.06
CA GLY B 26 -17.59 -42.04 21.55
C GLY B 26 -16.28 -42.11 22.32
N PRO B 27 -16.10 -43.16 23.13
CA PRO B 27 -14.88 -43.31 23.93
C PRO B 27 -13.67 -43.65 23.06
N VAL B 28 -12.48 -43.52 23.63
CA VAL B 28 -11.24 -43.84 22.91
C VAL B 28 -10.29 -44.70 23.74
N ASP B 29 -9.54 -45.54 23.05
CA ASP B 29 -8.47 -46.31 23.68
C ASP B 29 -7.18 -45.51 23.61
N GLN B 30 -6.60 -45.16 24.76
CA GLN B 30 -5.36 -44.42 24.75
C GLN B 30 -4.21 -45.19 25.41
N TYR B 31 -3.08 -45.22 24.72
CA TYR B 31 -1.89 -45.92 25.18
C TYR B 31 -0.77 -44.90 25.42
N LEU B 32 -0.49 -44.63 26.70
CA LEU B 32 0.47 -43.60 27.05
C LEU B 32 1.85 -44.16 27.34
N GLY B 33 2.88 -43.37 27.06
CA GLY B 33 4.25 -43.71 27.39
C GLY B 33 4.80 -44.93 26.68
N VAL B 34 4.54 -45.04 25.38
CA VAL B 34 5.10 -46.13 24.60
C VAL B 34 6.50 -45.76 24.13
N PRO B 35 7.51 -46.52 24.55
CA PRO B 35 8.89 -46.24 24.13
C PRO B 35 9.07 -46.51 22.64
N TYR B 36 9.52 -45.49 21.90
CA TYR B 36 9.71 -45.64 20.46
C TYR B 36 11.19 -45.69 20.11
N ALA B 37 12.04 -45.55 21.12
CA ALA B 37 13.48 -45.63 20.95
C ALA B 37 14.16 -46.01 22.25
N ALA B 38 15.38 -46.54 22.14
CA ALA B 38 16.17 -46.89 23.31
C ALA B 38 16.59 -45.61 24.02
N PRO B 39 16.61 -45.64 25.36
CA PRO B 39 16.95 -44.44 26.15
C PRO B 39 18.26 -43.79 25.71
N PRO B 40 18.21 -42.49 25.40
CA PRO B 40 19.37 -41.75 24.89
C PRO B 40 20.27 -41.22 26.00
N ILE B 41 20.90 -42.14 26.71
CA ILE B 41 21.67 -41.82 27.91
C ILE B 41 23.03 -42.49 27.91
N GLY B 42 23.95 -41.97 28.72
CA GLY B 42 25.30 -42.48 28.73
C GLY B 42 25.96 -42.24 27.39
N GLU B 43 26.42 -43.33 26.77
CA GLU B 43 27.02 -43.25 25.45
C GLU B 43 26.00 -42.86 24.38
N LYS B 44 24.73 -43.14 24.67
CA LYS B 44 23.65 -42.87 23.72
C LYS B 44 23.36 -41.38 23.58
N ARG B 45 23.73 -40.61 24.59
CA ARG B 45 23.58 -39.15 24.55
C ARG B 45 24.38 -38.56 23.38
N PHE B 46 23.80 -37.56 22.73
CA PHE B 46 24.42 -36.88 21.59
C PHE B 46 24.69 -37.85 20.45
N LEU B 47 23.82 -38.87 20.36
CA LEU B 47 23.89 -39.88 19.32
C LEU B 47 22.48 -40.07 18.76
N PRO B 48 22.36 -40.39 17.47
CA PRO B 48 21.05 -40.62 16.87
C PRO B 48 20.29 -41.73 17.60
N PRO B 49 18.95 -41.65 17.61
CA PRO B 49 18.13 -42.64 18.32
C PRO B 49 18.30 -44.04 17.76
N GLU B 50 18.16 -45.02 18.64
CA GLU B 50 18.28 -46.41 18.26
C GLU B 50 16.98 -47.14 18.64
N PRO B 51 16.68 -48.26 17.97
CA PRO B 51 15.42 -48.95 18.27
C PRO B 51 15.32 -49.38 19.74
N PRO B 52 14.10 -49.35 20.29
CA PRO B 52 13.88 -49.72 21.69
C PRO B 52 13.98 -51.22 21.91
N PRO B 53 14.49 -51.64 23.07
CA PRO B 53 14.56 -53.07 23.39
C PRO B 53 13.17 -53.64 23.59
N SER B 54 13.03 -54.95 23.41
CA SER B 54 11.73 -55.59 23.61
C SER B 54 11.48 -55.82 25.09
N TRP B 55 10.22 -56.02 25.45
CA TRP B 55 9.86 -56.34 26.82
C TRP B 55 9.05 -57.63 26.85
N SER B 56 9.31 -58.46 27.85
CA SER B 56 8.79 -59.82 27.85
C SER B 56 7.34 -59.95 28.29
N GLY B 57 6.89 -59.06 29.17
CA GLY B 57 5.53 -59.12 29.66
C GLY B 57 4.60 -58.17 28.92
N ILE B 58 3.40 -58.00 29.47
CA ILE B 58 2.46 -56.98 29.01
C ILE B 58 2.83 -55.67 29.69
N ARG B 59 2.98 -54.60 28.92
CA ARG B 59 3.39 -53.33 29.49
C ARG B 59 2.19 -52.44 29.83
N ASN B 60 2.23 -51.82 31.00
CA ASN B 60 1.16 -50.93 31.45
C ASN B 60 1.39 -49.56 30.80
N ALA B 61 0.40 -49.10 30.05
CA ALA B 61 0.51 -47.83 29.31
C ALA B 61 -0.48 -46.77 29.78
N THR B 62 -0.91 -46.89 31.02
CA THR B 62 -1.95 -46.03 31.58
C THR B 62 -1.47 -44.64 31.99
N HIS B 63 -0.22 -44.50 32.41
CA HIS B 63 0.26 -43.22 32.91
C HIS B 63 1.37 -42.63 32.05
N PHE B 64 1.47 -41.31 32.08
CA PHE B 64 2.50 -40.57 31.37
C PHE B 64 3.91 -40.86 31.90
N PRO B 65 4.90 -40.91 31.00
CA PRO B 65 6.29 -41.09 31.38
C PRO B 65 6.92 -39.75 31.75
N PRO B 66 8.17 -39.74 32.24
CA PRO B 66 8.84 -38.46 32.44
C PRO B 66 9.06 -37.72 31.12
N VAL B 67 9.05 -36.39 31.18
CA VAL B 67 9.33 -35.58 30.00
C VAL B 67 10.83 -35.40 29.84
N CYS B 68 11.26 -34.84 28.71
CA CYS B 68 12.67 -34.65 28.48
C CYS B 68 13.21 -33.51 29.35
N PRO B 69 14.50 -33.58 29.72
CA PRO B 69 15.16 -32.56 30.54
C PRO B 69 14.94 -31.14 30.05
N GLN B 70 14.39 -30.31 30.94
CA GLN B 70 14.00 -28.95 30.59
C GLN B 70 13.68 -28.17 31.87
N ASN B 71 13.72 -26.84 31.78
CA ASN B 71 13.39 -26.00 32.92
C ASN B 71 12.63 -24.75 32.47
N ILE B 72 11.36 -24.69 32.81
CA ILE B 72 10.52 -23.55 32.42
C ILE B 72 10.91 -22.25 33.11
N HIS B 73 11.40 -22.35 34.34
CA HIS B 73 11.85 -21.18 35.09
C HIS B 73 13.07 -20.53 34.44
N THR B 74 14.01 -21.34 33.97
CA THR B 74 15.19 -20.82 33.30
C THR B 74 14.77 -20.06 32.04
N ALA B 75 15.43 -18.93 31.80
CA ALA B 75 15.02 -18.03 30.72
C ALA B 75 15.10 -18.65 29.33
N VAL B 76 14.07 -18.39 28.54
CA VAL B 76 13.99 -18.76 27.13
C VAL B 76 13.26 -17.61 26.45
N PRO B 77 13.41 -17.47 25.12
CA PRO B 77 12.72 -16.37 24.46
C PRO B 77 11.20 -16.44 24.63
N GLU B 78 10.65 -15.39 25.24
CA GLU B 78 9.23 -15.32 25.57
C GLU B 78 8.32 -15.24 24.34
N VAL B 79 8.75 -14.48 23.33
CA VAL B 79 7.96 -14.27 22.12
C VAL B 79 7.69 -15.56 21.36
N MET B 80 8.66 -16.47 21.39
CA MET B 80 8.55 -17.75 20.69
C MET B 80 7.44 -18.64 21.22
N LEU B 81 7.09 -18.47 22.50
CA LEU B 81 6.15 -19.37 23.15
C LEU B 81 4.69 -19.01 22.90
N PRO B 82 3.82 -20.03 22.78
CA PRO B 82 2.39 -19.78 22.61
C PRO B 82 1.81 -19.04 23.82
N VAL B 83 0.81 -18.22 23.61
CA VAL B 83 0.20 -17.43 24.67
C VAL B 83 -0.34 -18.32 25.80
N TRP B 84 -0.99 -19.41 25.43
CA TRP B 84 -1.59 -20.31 26.42
C TRP B 84 -0.54 -20.94 27.34
N PHE B 85 0.68 -21.04 26.84
CA PHE B 85 1.77 -21.66 27.58
C PHE B 85 2.29 -20.72 28.66
N THR B 86 2.71 -19.53 28.25
CA THR B 86 3.28 -18.55 29.17
C THR B 86 2.25 -17.99 30.16
N ALA B 87 1.00 -17.91 29.73
CA ALA B 87 -0.07 -17.38 30.59
C ALA B 87 -0.40 -18.32 31.75
N ASN B 88 -0.05 -19.58 31.61
CA ASN B 88 -0.38 -20.62 32.60
C ASN B 88 0.81 -21.51 32.94
N LEU B 89 1.94 -20.87 33.27
CA LEU B 89 3.18 -21.58 33.59
C LEU B 89 2.97 -22.53 34.77
N ASP B 90 2.06 -22.16 35.66
CA ASP B 90 1.75 -22.95 36.84
C ASP B 90 1.24 -24.34 36.48
N ILE B 91 0.24 -24.38 35.63
CA ILE B 91 -0.37 -25.64 35.20
C ILE B 91 0.60 -26.43 34.34
N VAL B 92 1.34 -25.74 33.49
CA VAL B 92 2.39 -26.35 32.67
C VAL B 92 3.43 -27.07 33.53
N ALA B 93 3.75 -26.45 34.68
CA ALA B 93 4.76 -26.97 35.58
C ALA B 93 4.41 -28.37 36.09
N THR B 94 3.12 -28.66 36.24
CA THR B 94 2.67 -29.96 36.70
C THR B 94 2.96 -31.07 35.69
N TYR B 95 3.03 -30.70 34.42
CA TYR B 95 3.39 -31.65 33.36
C TYR B 95 4.90 -31.88 33.29
N ILE B 96 5.66 -30.84 33.58
CA ILE B 96 7.11 -30.85 33.40
C ILE B 96 7.86 -31.47 34.59
N GLN B 97 7.17 -31.60 35.72
CA GLN B 97 7.79 -32.07 36.95
C GLN B 97 8.42 -33.45 36.79
N GLU B 98 9.58 -33.64 37.43
CA GLU B 98 10.34 -34.89 37.36
C GLU B 98 10.80 -35.26 35.95
N PRO B 99 11.48 -34.34 35.24
CA PRO B 99 11.95 -34.73 33.91
C PRO B 99 13.09 -35.75 33.99
N ASN B 100 13.15 -36.65 33.02
CA ASN B 100 14.21 -37.66 32.97
C ASN B 100 14.78 -37.78 31.56
N GLU B 101 16.08 -38.05 31.47
CA GLU B 101 16.73 -38.16 30.16
C GLU B 101 16.19 -39.35 29.38
N ASP B 102 15.68 -40.36 30.08
CA ASP B 102 14.94 -41.43 29.45
C ASP B 102 13.53 -40.93 29.18
N CYS B 103 13.32 -40.34 28.01
CA CYS B 103 12.08 -39.61 27.73
C CYS B 103 11.52 -39.84 26.34
N LEU B 104 12.12 -40.74 25.57
CA LEU B 104 11.67 -40.96 24.20
C LEU B 104 10.46 -41.89 24.16
N TYR B 105 9.30 -41.33 24.49
CA TYR B 105 8.05 -42.08 24.50
C TYR B 105 7.00 -41.32 23.69
N LEU B 106 5.98 -42.04 23.21
CA LEU B 106 4.87 -41.40 22.51
C LEU B 106 3.53 -41.87 23.07
N ASN B 107 2.48 -41.11 22.78
CA ASN B 107 1.14 -41.46 23.24
C ASN B 107 0.21 -41.68 22.05
N VAL B 108 -0.65 -42.69 22.15
CA VAL B 108 -1.55 -43.04 21.06
C VAL B 108 -3.01 -42.97 21.47
N TYR B 109 -3.84 -42.31 20.66
CA TYR B 109 -5.26 -42.21 20.93
C TYR B 109 -6.07 -42.84 19.80
N VAL B 110 -6.82 -43.89 20.13
CA VAL B 110 -7.55 -44.66 19.11
C VAL B 110 -9.05 -44.65 19.33
N PRO B 111 -9.82 -44.33 18.27
CA PRO B 111 -11.29 -44.37 18.30
C PRO B 111 -11.83 -45.78 18.50
N THR B 112 -12.98 -45.89 19.15
CA THR B 112 -13.60 -47.19 19.39
C THR B 112 -14.75 -47.43 18.42
N GLY B 140 -12.88 -49.83 8.55
CA GLY B 140 -11.60 -50.04 7.89
C GLY B 140 -10.45 -49.42 8.65
N ALA B 141 -9.25 -49.50 8.08
CA ALA B 141 -8.07 -48.91 8.69
C ALA B 141 -8.19 -47.39 8.77
N LYS B 142 -7.77 -46.82 9.90
CA LYS B 142 -7.95 -45.40 10.15
C LYS B 142 -6.68 -44.59 9.91
N PRO B 143 -6.84 -43.34 9.46
CA PRO B 143 -5.71 -42.44 9.22
C PRO B 143 -4.98 -42.10 10.52
N VAL B 144 -3.70 -41.79 10.42
CA VAL B 144 -2.89 -41.51 11.60
C VAL B 144 -2.35 -40.09 11.58
N MET B 145 -2.66 -39.32 12.61
CA MET B 145 -2.17 -37.95 12.73
C MET B 145 -1.16 -37.83 13.85
N VAL B 146 0.09 -37.56 13.49
CA VAL B 146 1.17 -37.49 14.48
C VAL B 146 1.52 -36.04 14.79
N TYR B 147 1.21 -35.61 16.01
CA TYR B 147 1.44 -34.23 16.41
C TYR B 147 2.84 -34.03 16.98
N ILE B 148 3.49 -32.96 16.55
CA ILE B 148 4.76 -32.56 17.11
C ILE B 148 4.63 -31.23 17.84
N HIS B 149 4.75 -31.28 19.16
CA HIS B 149 4.66 -30.09 19.98
C HIS B 149 5.89 -29.21 19.75
N GLY B 150 5.91 -28.05 20.40
CA GLY B 150 7.09 -27.21 20.34
C GLY B 150 6.89 -25.82 20.89
N GLY B 151 7.72 -25.46 21.86
CA GLY B 151 7.76 -24.11 22.37
C GLY B 151 8.89 -23.31 21.72
N SER B 152 10.12 -23.70 22.01
CA SER B 152 11.29 -22.95 21.58
C SER B 152 12.52 -23.82 21.33
N TYR B 153 12.29 -25.12 21.19
CA TYR B 153 13.33 -26.16 21.07
C TYR B 153 13.95 -26.54 22.42
N MET B 154 13.62 -25.80 23.47
CA MET B 154 14.23 -26.03 24.78
C MET B 154 13.29 -26.76 25.74
N GLU B 155 11.99 -26.67 25.48
CA GLU B 155 11.00 -27.16 26.43
C GLU B 155 9.77 -27.74 25.75
N GLY B 156 8.82 -28.21 26.56
CA GLY B 156 7.55 -28.69 26.06
C GLY B 156 7.43 -30.20 26.07
N THR B 157 6.21 -30.68 25.79
CA THR B 157 5.92 -32.10 25.74
C THR B 157 4.54 -32.33 25.12
N GLY B 158 4.39 -33.44 24.41
CA GLY B 158 3.12 -33.77 23.80
C GLY B 158 2.07 -34.16 24.82
N ASN B 159 2.54 -34.39 26.05
CA ASN B 159 1.68 -34.87 27.12
C ASN B 159 0.58 -33.87 27.48
N MET B 160 0.87 -32.59 27.32
CA MET B 160 -0.08 -31.52 27.64
C MET B 160 -1.32 -31.55 26.77
N ILE B 161 -1.17 -32.04 25.54
CA ILE B 161 -2.27 -32.11 24.58
C ILE B 161 -2.97 -33.46 24.57
N ASP B 162 -4.28 -33.43 24.77
CA ASP B 162 -5.10 -34.64 24.84
C ASP B 162 -5.87 -34.84 23.54
N GLY B 163 -5.39 -35.76 22.71
CA GLY B 163 -5.92 -35.98 21.38
C GLY B 163 -7.22 -36.77 21.32
N SER B 164 -7.81 -37.02 22.48
CA SER B 164 -9.03 -37.81 22.59
C SER B 164 -10.17 -37.23 21.75
N VAL B 165 -10.38 -35.92 21.84
CA VAL B 165 -11.46 -35.27 21.12
C VAL B 165 -11.28 -35.37 19.61
N LEU B 166 -10.08 -35.04 19.14
CA LEU B 166 -9.75 -35.11 17.72
C LEU B 166 -9.91 -36.53 17.19
N ALA B 167 -9.53 -37.50 18.01
CA ALA B 167 -9.61 -38.91 17.65
C ALA B 167 -11.06 -39.37 17.52
N SER B 168 -11.85 -39.12 18.56
CA SER B 168 -13.24 -39.58 18.59
C SER B 168 -14.13 -38.88 17.57
N TYR B 169 -13.93 -37.57 17.40
CA TYR B 169 -14.75 -36.80 16.48
C TYR B 169 -14.42 -37.08 15.02
N GLY B 170 -13.13 -37.03 14.69
CA GLY B 170 -12.69 -37.18 13.31
C GLY B 170 -12.48 -38.62 12.91
N ASN B 171 -12.62 -39.52 13.87
CA ASN B 171 -12.42 -40.96 13.67
C ASN B 171 -11.04 -41.25 13.06
N VAL B 172 -10.02 -40.66 13.68
CA VAL B 172 -8.64 -40.90 13.26
C VAL B 172 -7.77 -41.22 14.47
N ILE B 173 -6.57 -41.75 14.22
CA ILE B 173 -5.64 -42.00 15.30
C ILE B 173 -4.74 -40.79 15.51
N VAL B 174 -4.68 -40.32 16.76
CA VAL B 174 -3.88 -39.15 17.09
C VAL B 174 -2.70 -39.54 17.95
N ILE B 175 -1.52 -39.06 17.59
CA ILE B 175 -0.31 -39.39 18.31
C ILE B 175 0.44 -38.15 18.74
N THR B 176 0.76 -38.07 20.03
CA THR B 176 1.58 -37.00 20.57
C THR B 176 2.84 -37.61 21.14
N LEU B 177 3.99 -37.01 20.81
CA LEU B 177 5.27 -37.61 21.17
C LEU B 177 6.16 -36.72 22.03
N ASN B 178 7.18 -37.34 22.62
CA ASN B 178 8.20 -36.62 23.36
C ASN B 178 9.56 -36.78 22.65
N TYR B 179 10.25 -35.67 22.45
CA TYR B 179 11.57 -35.73 21.80
C TYR B 179 12.59 -34.91 22.57
N ARG B 180 13.85 -35.22 22.34
CA ARG B 180 14.97 -34.52 22.97
C ARG B 180 14.93 -33.03 22.67
N VAL B 181 15.05 -32.21 23.70
CA VAL B 181 15.00 -30.77 23.54
C VAL B 181 16.25 -30.11 24.10
N GLY B 182 16.38 -28.81 23.80
CA GLY B 182 17.49 -28.01 24.33
C GLY B 182 18.86 -28.54 23.97
N VAL B 183 19.77 -28.52 24.95
CA VAL B 183 21.13 -28.99 24.74
C VAL B 183 21.18 -30.45 24.33
N LEU B 184 20.43 -31.28 25.04
CA LEU B 184 20.41 -32.71 24.78
C LEU B 184 19.83 -33.04 23.42
N GLY B 185 19.00 -32.14 22.91
CA GLY B 185 18.33 -32.36 21.65
C GLY B 185 18.98 -31.75 20.41
N PHE B 186 19.79 -30.71 20.59
CA PHE B 186 20.28 -29.96 19.44
C PHE B 186 21.71 -29.45 19.55
N LEU B 187 22.47 -29.91 20.54
CA LEU B 187 23.88 -29.54 20.66
C LEU B 187 24.66 -29.94 19.42
N SER B 188 25.45 -29.00 18.89
CA SER B 188 26.25 -29.27 17.70
C SER B 188 27.61 -28.57 17.80
N THR B 189 28.66 -29.31 17.43
CA THR B 189 30.02 -28.76 17.42
C THR B 189 30.42 -28.35 16.01
N GLY B 190 29.49 -28.50 15.07
CA GLY B 190 29.74 -28.14 13.69
C GLY B 190 30.61 -29.13 12.94
N ASP B 191 30.94 -30.24 13.60
CA ASP B 191 31.70 -31.31 12.96
C ASP B 191 31.18 -32.69 13.34
N GLN B 192 32.06 -33.68 13.29
CA GLN B 192 31.67 -35.07 13.51
C GLN B 192 31.45 -35.42 14.99
N ALA B 193 32.05 -34.63 15.87
CA ALA B 193 31.94 -34.88 17.31
C ALA B 193 30.48 -34.82 17.76
N ALA B 194 29.75 -33.84 17.26
CA ALA B 194 28.33 -33.69 17.54
C ALA B 194 27.61 -33.04 16.37
N LYS B 195 27.02 -33.86 15.50
CA LYS B 195 26.34 -33.35 14.31
C LYS B 195 25.07 -32.56 14.63
N GLY B 196 24.36 -32.97 15.68
CA GLY B 196 23.15 -32.28 16.09
C GLY B 196 21.90 -32.86 15.47
N ASN B 197 20.80 -32.13 15.58
CA ASN B 197 19.50 -32.50 15.01
C ASN B 197 18.92 -33.76 15.65
N TYR B 198 19.38 -34.07 16.86
CA TYR B 198 18.93 -35.26 17.57
C TYR B 198 17.44 -35.22 17.87
N GLY B 199 16.92 -34.02 18.13
CA GLY B 199 15.50 -33.84 18.37
C GLY B 199 14.68 -34.20 17.15
N LEU B 200 15.20 -33.85 15.97
CA LEU B 200 14.54 -34.16 14.71
C LEU B 200 14.67 -35.64 14.41
N LEU B 201 15.86 -36.18 14.64
CA LEU B 201 16.13 -37.60 14.47
C LEU B 201 15.20 -38.45 15.33
N ASP B 202 14.90 -37.96 16.53
CA ASP B 202 13.95 -38.60 17.41
C ASP B 202 12.56 -38.61 16.79
N GLN B 203 12.21 -37.51 16.15
CA GLN B 203 10.92 -37.39 15.48
C GLN B 203 10.83 -38.35 14.30
N ILE B 204 11.92 -38.45 13.53
CA ILE B 204 12.01 -39.42 12.44
C ILE B 204 11.84 -40.83 12.97
N GLN B 205 12.58 -41.15 14.03
CA GLN B 205 12.52 -42.46 14.65
C GLN B 205 11.14 -42.80 15.19
N ALA B 206 10.47 -41.80 15.77
CA ALA B 206 9.12 -41.97 16.27
C ALA B 206 8.16 -42.22 15.13
N LEU B 207 8.44 -41.63 13.96
CA LEU B 207 7.61 -41.81 12.78
C LEU B 207 7.81 -43.18 12.15
N ARG B 208 9.05 -43.67 12.14
CA ARG B 208 9.31 -45.03 11.69
C ARG B 208 8.52 -46.01 12.53
N TRP B 209 8.58 -45.81 13.85
CA TRP B 209 7.87 -46.67 14.79
C TRP B 209 6.39 -46.72 14.47
N VAL B 210 5.79 -45.57 14.22
CA VAL B 210 4.37 -45.49 13.86
C VAL B 210 4.12 -46.21 12.55
N SER B 211 4.97 -45.97 11.57
CA SER B 211 4.84 -46.58 10.25
C SER B 211 4.84 -48.10 10.34
N GLU B 212 5.74 -48.64 11.14
CA GLU B 212 5.91 -50.09 11.25
C GLU B 212 4.90 -50.75 12.19
N ASN B 213 4.33 -49.98 13.12
CA ASN B 213 3.54 -50.57 14.20
C ASN B 213 2.09 -50.09 14.33
N ILE B 214 1.73 -48.96 13.72
CA ILE B 214 0.40 -48.40 13.92
C ILE B 214 -0.69 -49.29 13.32
N ALA B 215 -0.33 -50.15 12.38
CA ALA B 215 -1.27 -51.09 11.79
C ALA B 215 -1.84 -52.03 12.86
N PHE B 216 -1.05 -52.25 13.92
CA PHE B 216 -1.49 -53.05 15.05
C PHE B 216 -2.59 -52.36 15.83
N PHE B 217 -2.68 -51.04 15.69
CA PHE B 217 -3.67 -50.25 16.42
C PHE B 217 -4.93 -50.00 15.59
N GLY B 218 -4.93 -50.50 14.36
CA GLY B 218 -6.04 -50.25 13.45
C GLY B 218 -5.76 -49.04 12.58
N GLY B 219 -4.50 -48.62 12.56
CA GLY B 219 -4.08 -47.48 11.78
C GLY B 219 -3.63 -47.82 10.36
N ASP B 220 -3.70 -46.83 9.48
CA ASP B 220 -3.27 -46.98 8.10
C ASP B 220 -1.90 -46.32 7.94
N PRO B 221 -0.83 -47.13 7.81
CA PRO B 221 0.53 -46.62 7.63
C PRO B 221 0.68 -45.82 6.34
N ARG B 222 -0.21 -46.07 5.37
CA ARG B 222 -0.20 -45.37 4.10
C ARG B 222 -0.80 -43.98 4.19
N ARG B 223 -1.66 -43.76 5.18
CA ARG B 223 -2.24 -42.44 5.42
C ARG B 223 -1.77 -41.80 6.72
N ILE B 224 -0.52 -41.35 6.76
CA ILE B 224 0.02 -40.70 7.95
C ILE B 224 0.27 -39.21 7.73
N THR B 225 -0.35 -38.39 8.57
CA THR B 225 -0.13 -36.94 8.54
C THR B 225 0.58 -36.46 9.78
N VAL B 226 1.63 -35.66 9.61
CA VAL B 226 2.31 -35.06 10.74
C VAL B 226 2.05 -33.55 10.78
N PHE B 227 1.66 -33.05 11.94
CA PHE B 227 1.32 -31.65 12.09
C PHE B 227 1.85 -31.07 13.40
N GLY B 228 2.05 -29.76 13.42
CA GLY B 228 2.54 -29.08 14.60
C GLY B 228 2.24 -27.60 14.61
N SER B 229 2.32 -27.00 15.80
CA SER B 229 2.10 -25.57 15.97
C SER B 229 3.38 -24.89 16.44
N GLY B 230 3.57 -23.64 16.01
CA GLY B 230 4.74 -22.86 16.41
C GLY B 230 6.06 -23.47 15.98
N ILE B 231 6.95 -23.67 16.94
CA ILE B 231 8.24 -24.31 16.69
C ILE B 231 8.03 -25.75 16.25
N GLY B 232 6.93 -26.35 16.71
CA GLY B 232 6.54 -27.68 16.28
C GLY B 232 6.32 -27.71 14.77
N ALA B 233 5.74 -26.64 14.25
CA ALA B 233 5.51 -26.49 12.82
C ALA B 233 6.83 -26.27 12.07
N SER B 234 7.77 -25.61 12.74
CA SER B 234 9.10 -25.41 12.17
C SER B 234 9.81 -26.75 11.96
N CYS B 235 9.52 -27.69 12.86
CA CYS B 235 10.07 -29.05 12.77
C CYS B 235 9.47 -29.81 11.60
N VAL B 236 8.14 -29.80 11.51
CA VAL B 236 7.43 -30.47 10.42
C VAL B 236 7.92 -29.98 9.07
N SER B 237 8.09 -28.68 8.94
CA SER B 237 8.63 -28.06 7.73
C SER B 237 9.99 -28.68 7.39
N LEU B 238 10.84 -28.83 8.39
CA LEU B 238 12.17 -29.38 8.19
C LEU B 238 12.14 -30.87 7.88
N LEU B 239 11.16 -31.59 8.44
CA LEU B 239 11.05 -33.02 8.20
C LEU B 239 10.74 -33.30 6.74
N THR B 240 9.93 -32.43 6.15
CA THR B 240 9.54 -32.58 4.76
C THR B 240 10.70 -32.34 3.80
N LEU B 241 11.72 -31.63 4.27
CA LEU B 241 12.86 -31.28 3.44
C LEU B 241 14.01 -32.26 3.62
N SER B 242 13.79 -33.29 4.44
CA SER B 242 14.85 -34.24 4.78
C SER B 242 14.75 -35.54 3.97
N HIS B 243 15.90 -36.05 3.56
CA HIS B 243 15.99 -37.37 2.94
C HIS B 243 15.56 -38.44 3.94
N HIS B 244 15.95 -38.25 5.19
CA HIS B 244 15.68 -39.21 6.26
C HIS B 244 14.20 -39.53 6.45
N SER B 245 13.34 -38.54 6.22
CA SER B 245 11.90 -38.71 6.43
C SER B 245 11.19 -39.43 5.29
N GLU B 246 11.95 -39.83 4.28
CA GLU B 246 11.39 -40.43 3.08
C GLU B 246 10.60 -41.72 3.34
N GLY B 247 9.37 -41.76 2.82
CA GLY B 247 8.55 -42.95 2.91
C GLY B 247 7.73 -43.08 4.18
N LEU B 248 8.07 -42.29 5.20
CA LEU B 248 7.41 -42.40 6.50
C LEU B 248 6.00 -41.80 6.54
N PHE B 249 5.84 -40.58 6.04
CA PHE B 249 4.54 -39.93 6.08
C PHE B 249 4.19 -39.28 4.75
N GLN B 250 2.91 -39.05 4.53
CA GLN B 250 2.41 -38.61 3.23
C GLN B 250 1.96 -37.16 3.23
N ARG B 251 1.42 -36.70 4.35
CA ARG B 251 0.89 -35.34 4.41
C ARG B 251 1.41 -34.57 5.62
N ALA B 252 1.40 -33.25 5.51
CA ALA B 252 1.85 -32.39 6.59
C ALA B 252 0.92 -31.20 6.77
N ILE B 253 0.68 -30.83 8.03
CA ILE B 253 -0.05 -29.61 8.33
C ILE B 253 0.84 -28.68 9.15
N ILE B 254 1.18 -27.54 8.56
CA ILE B 254 2.17 -26.65 9.16
C ILE B 254 1.49 -25.40 9.74
N GLN B 255 1.29 -25.39 11.05
CA GLN B 255 0.51 -24.34 11.70
C GLN B 255 1.38 -23.28 12.39
N SER B 256 1.33 -22.06 11.88
CA SER B 256 2.01 -20.91 12.50
C SER B 256 3.50 -21.15 12.70
N GLY B 257 4.18 -21.60 11.65
CA GLY B 257 5.59 -21.90 11.73
C GLY B 257 6.17 -22.19 10.35
N SER B 258 7.49 -22.09 10.25
CA SER B 258 8.17 -22.33 8.98
C SER B 258 9.65 -22.65 9.20
N ALA B 259 10.27 -23.25 8.19
CA ALA B 259 11.71 -23.51 8.22
C ALA B 259 12.51 -22.27 7.85
N LEU B 260 11.82 -21.15 7.63
CA LEU B 260 12.47 -19.95 7.10
C LEU B 260 12.54 -18.80 8.09
N SER B 261 11.82 -18.89 9.20
CA SER B 261 11.86 -17.84 10.22
C SER B 261 13.26 -17.76 10.83
N SER B 262 13.58 -16.60 11.39
CA SER B 262 14.93 -16.34 11.91
C SER B 262 15.33 -17.32 13.01
N TRP B 263 14.33 -17.86 13.71
CA TRP B 263 14.59 -18.74 14.85
C TRP B 263 14.31 -20.21 14.55
N ALA B 264 14.22 -20.55 13.27
CA ALA B 264 13.92 -21.93 12.89
C ALA B 264 15.22 -22.75 12.81
N VAL B 265 16.28 -22.11 12.36
CA VAL B 265 17.56 -22.79 12.19
C VAL B 265 18.68 -21.99 12.88
N ASN B 266 19.57 -22.71 13.56
CA ASN B 266 20.69 -22.07 14.23
C ASN B 266 21.93 -22.10 13.34
N TYR B 267 22.35 -20.91 12.90
CA TYR B 267 23.46 -20.80 11.96
C TYR B 267 24.78 -20.51 12.66
N GLN B 268 24.77 -20.55 13.99
CA GLN B 268 25.99 -20.40 14.78
C GLN B 268 26.11 -21.46 15.89
N PRO B 269 25.90 -22.75 15.57
CA PRO B 269 25.93 -23.77 16.63
C PRO B 269 27.27 -23.85 17.36
N VAL B 270 28.36 -23.69 16.62
CA VAL B 270 29.71 -23.71 17.17
C VAL B 270 29.88 -22.67 18.29
N LYS B 271 29.36 -21.48 18.07
CA LYS B 271 29.50 -20.37 19.01
C LYS B 271 28.81 -20.64 20.35
N TYR B 272 27.57 -21.10 20.30
CA TYR B 272 26.78 -21.29 21.51
C TYR B 272 27.14 -22.58 22.27
N THR B 273 27.61 -23.58 21.54
CA THR B 273 28.04 -24.84 22.15
C THR B 273 29.27 -24.61 23.02
N SER B 274 30.22 -23.85 22.49
CA SER B 274 31.45 -23.54 23.23
C SER B 274 31.15 -22.72 24.49
N LEU B 275 30.16 -21.85 24.40
CA LEU B 275 29.71 -21.07 25.54
C LEU B 275 29.22 -21.98 26.65
N LEU B 276 28.49 -23.02 26.26
CA LEU B 276 28.03 -24.04 27.21
C LEU B 276 29.21 -24.74 27.87
N ALA B 277 30.18 -25.14 27.05
CA ALA B 277 31.37 -25.85 27.50
C ALA B 277 32.13 -25.07 28.57
N ASP B 278 32.25 -23.76 28.37
CA ASP B 278 32.93 -22.89 29.32
C ASP B 278 32.20 -22.85 30.67
N LYS B 279 30.87 -22.73 30.61
CA LYS B 279 30.06 -22.63 31.81
C LYS B 279 30.10 -23.89 32.66
N VAL B 280 30.08 -25.06 32.02
CA VAL B 280 30.13 -26.32 32.76
C VAL B 280 31.60 -26.69 33.00
N GLY B 281 32.49 -25.86 32.46
CA GLY B 281 33.93 -26.09 32.58
C GLY B 281 34.38 -27.30 31.81
N CYS B 282 33.73 -27.55 30.67
CA CYS B 282 34.09 -28.68 29.83
C CYS B 282 34.69 -28.23 28.50
N ASN B 283 35.40 -27.11 28.53
CA ASN B 283 35.98 -26.53 27.33
C ASN B 283 37.36 -27.08 26.95
N VAL B 284 37.47 -27.64 25.76
CA VAL B 284 38.78 -28.09 25.29
C VAL B 284 38.95 -27.82 23.80
N LEU B 285 40.19 -27.88 23.34
CA LEU B 285 40.55 -27.64 21.95
C LEU B 285 39.98 -28.71 21.01
N ASP B 286 40.02 -29.96 21.43
CA ASP B 286 39.59 -31.07 20.60
C ASP B 286 38.10 -31.36 20.82
N THR B 287 37.32 -31.24 19.76
CA THR B 287 35.87 -31.38 19.83
C THR B 287 35.36 -32.72 20.39
N VAL B 288 36.03 -33.82 20.04
CA VAL B 288 35.64 -35.13 20.53
C VAL B 288 35.75 -35.20 22.06
N ASP B 289 36.80 -34.62 22.62
CA ASP B 289 37.01 -34.64 24.05
C ASP B 289 35.98 -33.80 24.82
N MET B 290 35.61 -32.64 24.28
CA MET B 290 34.64 -31.79 24.98
C MET B 290 33.25 -32.40 24.93
N VAL B 291 32.93 -33.08 23.84
CA VAL B 291 31.67 -33.80 23.75
C VAL B 291 31.65 -34.96 24.76
N ASP B 292 32.79 -35.65 24.87
CA ASP B 292 32.91 -36.75 25.81
C ASP B 292 32.77 -36.25 27.25
N CYS B 293 33.36 -35.09 27.55
CA CYS B 293 33.26 -34.49 28.86
C CYS B 293 31.81 -34.08 29.16
N LEU B 294 31.12 -33.55 28.15
CA LEU B 294 29.73 -33.14 28.29
C LEU B 294 28.85 -34.34 28.62
N ARG B 295 29.26 -35.51 28.17
CA ARG B 295 28.55 -36.76 28.47
C ARG B 295 28.62 -37.07 29.96
N GLN B 296 29.71 -36.65 30.60
CA GLN B 296 29.89 -36.90 32.04
C GLN B 296 28.92 -36.09 32.89
N LYS B 297 28.60 -34.89 32.45
CA LYS B 297 27.77 -33.99 33.22
C LYS B 297 26.35 -34.51 33.41
N SER B 298 25.73 -34.14 34.52
CA SER B 298 24.34 -34.46 34.77
C SER B 298 23.45 -33.79 33.73
N ALA B 299 22.35 -34.44 33.38
CA ALA B 299 21.38 -33.86 32.47
C ALA B 299 20.88 -32.57 33.08
N LYS B 300 20.82 -32.53 34.41
CA LYS B 300 20.39 -31.36 35.14
C LYS B 300 21.28 -30.15 34.85
N GLU B 301 22.59 -30.36 34.93
CA GLU B 301 23.57 -29.29 34.80
C GLU B 301 23.49 -28.60 33.43
N LEU B 302 23.41 -29.41 32.37
CA LEU B 302 23.37 -28.88 31.01
C LEU B 302 22.12 -28.03 30.74
N VAL B 303 21.01 -28.42 31.33
CA VAL B 303 19.74 -27.72 31.15
C VAL B 303 19.67 -26.33 31.80
N GLU B 304 20.04 -26.25 33.08
CA GLU B 304 19.81 -25.04 33.88
C GLU B 304 20.55 -23.82 33.33
N GLN B 305 21.65 -24.06 32.63
CA GLN B 305 22.52 -23.00 32.12
C GLN B 305 21.79 -21.88 31.37
N ASP B 306 22.17 -20.65 31.69
CA ASP B 306 21.57 -19.46 31.07
C ASP B 306 22.40 -19.02 29.87
N ILE B 307 22.04 -19.52 28.70
CA ILE B 307 22.74 -19.15 27.46
C ILE B 307 21.77 -18.47 26.50
N GLN B 308 21.79 -17.15 26.48
CA GLN B 308 20.87 -16.37 25.66
C GLN B 308 21.46 -16.10 24.28
N PRO B 309 20.68 -16.36 23.23
CA PRO B 309 21.07 -16.10 21.85
C PRO B 309 20.79 -14.65 21.46
N ALA B 310 21.18 -14.26 20.24
CA ALA B 310 20.80 -12.96 19.71
C ALA B 310 19.28 -12.90 19.64
N ARG B 311 18.71 -11.70 19.79
CA ARG B 311 17.27 -11.54 19.81
C ARG B 311 16.64 -12.13 18.55
N TYR B 312 15.50 -12.81 18.73
CA TYR B 312 14.76 -13.44 17.63
C TYR B 312 15.56 -14.57 16.98
N HIS B 313 16.62 -15.01 17.65
CA HIS B 313 17.41 -16.15 17.20
C HIS B 313 17.42 -17.26 18.25
N VAL B 314 18.05 -18.38 17.92
CA VAL B 314 18.10 -19.54 18.80
C VAL B 314 19.53 -20.01 19.09
N ALA B 315 19.79 -20.35 20.35
CA ALA B 315 21.11 -20.83 20.75
C ALA B 315 21.26 -22.33 20.51
N PHE B 316 20.19 -23.08 20.79
CA PHE B 316 20.18 -24.52 20.53
C PHE B 316 18.96 -24.92 19.71
N GLY B 317 19.21 -25.38 18.50
CA GLY B 317 18.14 -25.78 17.60
C GLY B 317 18.70 -26.50 16.39
N PRO B 318 17.84 -26.78 15.39
CA PRO B 318 18.26 -27.47 14.16
C PRO B 318 19.42 -26.76 13.49
N VAL B 319 20.38 -27.53 12.99
CA VAL B 319 21.50 -26.97 12.28
C VAL B 319 21.60 -27.58 10.90
N ILE B 320 22.34 -26.93 10.02
CA ILE B 320 22.56 -27.48 8.69
C ILE B 320 23.81 -28.34 8.70
N ASP B 321 23.60 -29.62 8.95
CA ASP B 321 24.68 -30.58 9.17
C ASP B 321 25.14 -31.23 7.86
N GLY B 322 24.33 -31.08 6.83
CA GLY B 322 24.65 -31.66 5.53
C GLY B 322 24.11 -33.06 5.39
N ASP B 323 23.49 -33.57 6.45
CA ASP B 323 22.92 -34.92 6.45
C ASP B 323 21.40 -34.86 6.58
N VAL B 324 20.92 -34.63 7.80
CA VAL B 324 19.50 -34.50 8.05
C VAL B 324 18.99 -33.25 7.35
N ILE B 325 19.71 -32.15 7.53
CA ILE B 325 19.45 -30.91 6.80
C ILE B 325 20.62 -30.64 5.85
N PRO B 326 20.52 -31.13 4.60
CA PRO B 326 21.62 -31.07 3.65
C PRO B 326 22.01 -29.66 3.20
N ASP B 327 21.09 -28.70 3.26
CA ASP B 327 21.39 -27.34 2.83
C ASP B 327 20.44 -26.32 3.47
N ASP B 328 20.62 -25.04 3.14
CA ASP B 328 19.72 -23.98 3.58
C ASP B 328 18.29 -24.35 3.21
N PRO B 329 17.37 -24.30 4.18
CA PRO B 329 15.99 -24.80 4.03
C PRO B 329 15.30 -24.28 2.78
N GLU B 330 15.54 -23.02 2.43
CA GLU B 330 14.96 -22.42 1.24
C GLU B 330 15.46 -23.10 -0.03
N ILE B 331 16.76 -23.39 -0.07
CA ILE B 331 17.35 -24.07 -1.21
C ILE B 331 16.74 -25.45 -1.39
N LEU B 332 16.51 -26.14 -0.28
CA LEU B 332 15.90 -27.47 -0.29
C LEU B 332 14.49 -27.42 -0.86
N MET B 333 13.79 -26.32 -0.61
CA MET B 333 12.44 -26.12 -1.12
C MET B 333 12.45 -26.00 -2.64
N GLU B 334 13.44 -25.29 -3.17
CA GLU B 334 13.58 -25.10 -4.61
C GLU B 334 13.88 -26.44 -5.29
N GLN B 335 14.70 -27.26 -4.64
CA GLN B 335 15.12 -28.55 -5.18
C GLN B 335 13.94 -29.51 -5.34
N GLY B 336 12.86 -29.28 -4.60
CA GLY B 336 11.65 -30.07 -4.78
C GLY B 336 11.46 -31.29 -3.89
N GLU B 337 12.17 -31.33 -2.77
CA GLU B 337 12.09 -32.47 -1.86
C GLU B 337 10.70 -32.74 -1.30
N PHE B 338 10.04 -31.67 -0.87
CA PHE B 338 8.75 -31.77 -0.18
C PHE B 338 7.52 -31.71 -1.09
N LEU B 339 7.73 -31.76 -2.40
CA LEU B 339 6.61 -31.73 -3.35
C LEU B 339 5.76 -33.00 -3.36
N ASN B 340 6.30 -34.08 -2.81
CA ASN B 340 5.57 -35.35 -2.82
C ASN B 340 4.71 -35.51 -1.57
N TYR B 341 4.55 -34.42 -0.83
CA TYR B 341 3.67 -34.39 0.33
C TYR B 341 2.47 -33.50 0.06
N ASP B 342 1.30 -33.94 0.50
CA ASP B 342 0.15 -33.04 0.54
C ASP B 342 0.36 -32.12 1.75
N ILE B 343 0.32 -30.81 1.53
CA ILE B 343 0.66 -29.88 2.60
C ILE B 343 -0.41 -28.82 2.82
N MET B 344 -0.73 -28.60 4.10
CA MET B 344 -1.68 -27.57 4.49
C MET B 344 -1.01 -26.68 5.53
N LEU B 345 -1.07 -25.37 5.35
CA LEU B 345 -0.37 -24.45 6.25
C LEU B 345 -1.11 -23.13 6.40
N GLY B 346 -0.77 -22.39 7.46
CA GLY B 346 -1.41 -21.11 7.70
C GLY B 346 -0.85 -20.35 8.90
N VAL B 347 -1.42 -19.17 9.14
CA VAL B 347 -1.00 -18.28 10.22
C VAL B 347 -2.20 -17.66 10.92
N ASN B 348 -1.94 -17.00 12.06
CA ASN B 348 -3.00 -16.30 12.79
C ASN B 348 -2.94 -14.80 12.53
N GLN B 349 -4.08 -14.13 12.70
CA GLN B 349 -4.18 -12.68 12.47
C GLN B 349 -3.14 -11.87 13.26
N GLY B 350 -3.01 -12.17 14.54
CA GLY B 350 -2.12 -11.41 15.41
C GLY B 350 -1.10 -12.25 16.15
N GLU B 351 -0.30 -13.01 15.40
CA GLU B 351 0.74 -13.86 15.96
C GLU B 351 1.70 -13.11 16.88
N GLY B 352 2.25 -12.01 16.37
CA GLY B 352 3.31 -11.27 17.05
C GLY B 352 2.90 -10.41 18.22
N LEU B 353 1.85 -10.81 18.93
CA LEU B 353 1.35 -10.09 20.10
C LEU B 353 2.43 -9.62 21.08
N LYS B 354 3.33 -10.52 21.46
CA LYS B 354 4.36 -10.23 22.45
C LYS B 354 5.42 -9.24 21.95
N PHE B 355 5.42 -8.95 20.66
CA PHE B 355 6.35 -7.97 20.10
C PHE B 355 6.07 -6.56 20.60
N VAL B 356 4.80 -6.27 20.86
CA VAL B 356 4.39 -4.92 21.24
C VAL B 356 3.84 -4.83 22.67
N GLU B 357 3.66 -5.96 23.31
CA GLU B 357 2.97 -6.02 24.61
C GLU B 357 3.62 -5.14 25.67
N GLY B 358 4.95 -5.04 25.63
CA GLY B 358 5.70 -4.21 26.55
C GLY B 358 5.38 -2.74 26.47
N VAL B 359 4.96 -2.30 25.30
CA VAL B 359 4.93 -0.89 24.95
C VAL B 359 3.48 -0.36 24.90
N VAL B 360 2.52 -1.21 25.23
CA VAL B 360 1.13 -0.81 25.20
C VAL B 360 0.72 -0.10 26.49
N ASP B 361 0.28 1.14 26.34
CA ASP B 361 -0.16 1.96 27.48
C ASP B 361 -1.58 1.56 27.92
N PRO B 362 -2.04 2.06 29.08
CA PRO B 362 -3.39 1.72 29.56
C PRO B 362 -4.52 2.12 28.59
N GLU B 363 -4.24 3.02 27.65
CA GLU B 363 -5.24 3.45 26.67
C GLU B 363 -5.36 2.43 25.55
N ASP B 364 -4.54 1.38 25.61
CA ASP B 364 -4.47 0.32 24.60
C ASP B 364 -3.84 0.88 23.32
N GLY B 365 -2.99 1.89 23.47
CA GLY B 365 -2.34 2.53 22.33
C GLY B 365 -0.82 2.49 22.41
N VAL B 366 -0.18 2.88 21.30
CA VAL B 366 1.27 3.00 21.26
C VAL B 366 1.67 4.38 20.76
N SER B 367 2.58 5.04 21.48
CA SER B 367 3.01 6.38 21.10
C SER B 367 3.88 6.35 19.85
N GLY B 368 4.02 7.51 19.20
CA GLY B 368 4.84 7.64 18.02
C GLY B 368 6.32 7.41 18.30
N THR B 369 6.79 7.92 19.43
CA THR B 369 8.17 7.74 19.83
C THR B 369 8.44 6.27 20.09
N ASP B 370 7.47 5.62 20.76
CA ASP B 370 7.51 4.20 21.02
C ASP B 370 7.46 3.40 19.73
N PHE B 371 6.66 3.87 18.78
CA PHE B 371 6.56 3.24 17.47
C PHE B 371 7.90 3.28 16.76
N ASP B 372 8.49 4.47 16.70
CA ASP B 372 9.80 4.66 16.09
C ASP B 372 10.86 3.84 16.78
N TYR B 373 10.76 3.70 18.09
CA TYR B 373 11.71 2.95 18.90
C TYR B 373 11.71 1.46 18.58
N SER B 374 10.52 0.85 18.62
CA SER B 374 10.39 -0.59 18.38
C SER B 374 10.79 -0.95 16.95
N VAL B 375 10.36 -0.13 15.99
CA VAL B 375 10.69 -0.33 14.58
C VAL B 375 12.19 -0.27 14.37
N SER B 376 12.84 0.68 15.03
CA SER B 376 14.28 0.83 14.93
C SER B 376 14.99 -0.37 15.54
N ASN B 377 14.56 -0.76 16.75
CA ASN B 377 15.10 -1.92 17.44
C ASN B 377 14.92 -3.20 16.63
N PHE B 378 13.79 -3.31 15.95
CA PHE B 378 13.50 -4.45 15.10
C PHE B 378 14.52 -4.60 13.98
N VAL B 379 14.78 -3.50 13.28
CA VAL B 379 15.76 -3.48 12.19
C VAL B 379 17.16 -3.77 12.72
N ASP B 380 17.42 -3.34 13.96
CA ASP B 380 18.71 -3.59 14.60
C ASP B 380 18.96 -5.07 14.74
N ASN B 381 17.99 -5.77 15.32
CA ASN B 381 18.11 -7.18 15.65
C ASN B 381 18.14 -8.11 14.44
N LEU B 382 17.27 -7.87 13.47
CA LEU B 382 17.14 -8.76 12.32
C LEU B 382 18.20 -8.53 11.24
N TYR B 383 18.53 -7.26 10.99
CA TYR B 383 19.39 -6.93 9.85
C TYR B 383 20.80 -6.53 10.25
N GLY B 384 21.00 -6.25 11.54
CA GLY B 384 22.32 -6.03 12.10
C GLY B 384 23.11 -4.85 11.55
N TYR B 385 22.48 -3.68 11.53
CA TYR B 385 23.13 -2.42 11.15
C TYR B 385 23.97 -2.44 9.86
N PRO B 386 23.42 -2.94 8.75
CA PRO B 386 24.21 -2.91 7.52
C PRO B 386 24.11 -1.56 6.81
N GLU B 387 24.82 -1.39 5.71
CA GLU B 387 24.77 -0.15 4.93
C GLU B 387 23.37 0.11 4.36
N GLY B 388 22.89 1.34 4.49
CA GLY B 388 21.57 1.70 3.98
C GLY B 388 20.46 1.31 4.93
N LYS B 389 20.85 0.97 6.16
CA LYS B 389 19.89 0.62 7.21
C LYS B 389 18.94 1.78 7.48
N ASP B 390 19.48 2.99 7.38
CA ASP B 390 18.73 4.21 7.62
C ASP B 390 17.64 4.37 6.57
N THR B 391 17.96 4.02 5.33
CA THR B 391 17.01 4.07 4.23
C THR B 391 15.93 3.00 4.42
N LEU B 392 16.36 1.82 4.85
CA LEU B 392 15.43 0.71 5.07
C LEU B 392 14.48 1.02 6.21
N ARG B 393 15.03 1.57 7.30
CA ARG B 393 14.26 1.85 8.51
C ARG B 393 13.05 2.74 8.26
N GLU B 394 13.25 3.78 7.46
CA GLU B 394 12.18 4.71 7.13
C GLU B 394 11.14 4.05 6.24
N THR B 395 11.60 3.16 5.37
CA THR B 395 10.70 2.45 4.45
C THR B 395 9.80 1.47 5.20
N ILE B 396 10.34 0.83 6.23
CA ILE B 396 9.52 -0.03 7.10
C ILE B 396 8.48 0.82 7.81
N LYS B 397 8.92 1.97 8.31
CA LYS B 397 8.06 2.91 9.02
C LYS B 397 6.88 3.34 8.15
N PHE B 398 7.18 3.61 6.87
CA PHE B 398 6.17 4.09 5.93
C PHE B 398 5.12 3.02 5.62
N MET B 399 5.58 1.81 5.30
CA MET B 399 4.70 0.74 4.87
C MET B 399 3.68 0.33 5.94
N TYR B 400 4.09 0.44 7.21
CA TYR B 400 3.23 0.03 8.30
C TYR B 400 2.68 1.23 9.06
N THR B 401 2.54 2.35 8.36
CA THR B 401 1.80 3.49 8.87
C THR B 401 0.48 3.64 8.13
N ASP B 402 -0.62 3.74 8.86
CA ASP B 402 -1.92 3.99 8.24
C ASP B 402 -2.08 5.48 8.01
N TRP B 403 -1.84 5.91 6.78
CA TRP B 403 -1.87 7.33 6.44
C TRP B 403 -3.30 7.86 6.34
N ALA B 404 -4.29 6.96 6.47
CA ALA B 404 -5.68 7.37 6.52
C ALA B 404 -6.12 7.59 7.98
N ASP B 405 -5.24 7.24 8.91
CA ASP B 405 -5.45 7.44 10.34
C ASP B 405 -4.10 7.49 11.06
N ARG B 406 -3.32 8.50 10.72
CA ARG B 406 -1.94 8.64 11.16
C ARG B 406 -1.78 8.73 12.68
N ASP B 407 -2.64 9.50 13.32
CA ASP B 407 -2.52 9.78 14.75
C ASP B 407 -3.01 8.68 15.69
N ASN B 408 -3.95 7.86 15.23
CA ASN B 408 -4.58 6.85 16.08
C ASN B 408 -3.58 5.92 16.78
N PRO B 409 -3.52 6.00 18.12
CA PRO B 409 -2.58 5.19 18.92
C PRO B 409 -2.94 3.71 18.92
N GLU B 410 -4.23 3.41 18.81
CA GLU B 410 -4.69 2.02 18.75
C GLU B 410 -4.27 1.37 17.45
N THR B 411 -4.42 2.11 16.35
CA THR B 411 -4.05 1.62 15.03
C THR B 411 -2.54 1.42 14.94
N ARG B 412 -1.78 2.31 15.59
CA ARG B 412 -0.32 2.18 15.64
C ARG B 412 0.09 0.86 16.30
N ARG B 413 -0.68 0.46 17.30
CA ARG B 413 -0.45 -0.81 17.98
C ARG B 413 -0.68 -1.99 17.04
N LYS B 414 -1.78 -1.95 16.30
CA LYS B 414 -2.13 -3.02 15.37
C LYS B 414 -1.08 -3.21 14.30
N THR B 415 -0.60 -2.10 13.73
CA THR B 415 0.41 -2.15 12.68
C THR B 415 1.72 -2.71 13.22
N LEU B 416 2.02 -2.37 14.48
CA LEU B 416 3.23 -2.84 15.12
C LEU B 416 3.20 -4.36 15.29
N VAL B 417 2.01 -4.87 15.64
CA VAL B 417 1.81 -6.31 15.72
C VAL B 417 1.93 -6.94 14.34
N ALA B 418 1.32 -6.30 13.36
CA ALA B 418 1.33 -6.79 11.98
C ALA B 418 2.73 -6.85 11.40
N LEU B 419 3.56 -5.89 11.73
CA LEU B 419 4.94 -5.85 11.26
C LEU B 419 5.66 -7.13 11.65
N PHE B 420 5.53 -7.50 12.91
CA PHE B 420 6.22 -8.67 13.44
C PHE B 420 5.53 -9.93 12.92
N THR B 421 4.20 -9.90 12.90
CA THR B 421 3.40 -10.99 12.37
C THR B 421 3.75 -11.29 10.91
N ASP B 422 3.79 -10.26 10.08
CA ASP B 422 4.08 -10.43 8.66
C ASP B 422 5.49 -10.97 8.44
N HIS B 423 6.47 -10.36 9.10
CA HIS B 423 7.87 -10.68 8.86
C HIS B 423 8.27 -12.07 9.38
N GLN B 424 7.80 -12.42 10.56
CA GLN B 424 8.21 -13.67 11.20
C GLN B 424 7.34 -14.87 10.82
N TRP B 425 6.09 -14.64 10.45
CA TRP B 425 5.17 -15.74 10.19
C TRP B 425 4.59 -15.75 8.78
N VAL B 426 3.92 -14.66 8.41
CA VAL B 426 3.16 -14.64 7.16
C VAL B 426 4.05 -14.79 5.92
N GLU B 427 5.04 -13.91 5.77
CA GLU B 427 5.92 -13.96 4.61
C GLU B 427 6.67 -15.29 4.47
N PRO B 428 7.28 -15.81 5.57
CA PRO B 428 7.94 -17.11 5.42
C PRO B 428 6.96 -18.23 5.07
N SER B 429 5.77 -18.18 5.65
CA SER B 429 4.73 -19.18 5.37
C SER B 429 4.29 -19.13 3.92
N VAL B 430 4.08 -17.91 3.41
CA VAL B 430 3.64 -17.72 2.03
C VAL B 430 4.71 -18.20 1.05
N VAL B 431 5.97 -17.87 1.32
CA VAL B 431 7.07 -18.33 0.50
C VAL B 431 7.10 -19.85 0.43
N THR B 432 6.84 -20.50 1.57
CA THR B 432 6.78 -21.96 1.63
C THR B 432 5.62 -22.48 0.79
N ALA B 433 4.45 -21.89 0.97
CA ALA B 433 3.24 -22.29 0.26
C ALA B 433 3.38 -22.10 -1.25
N ASP B 434 4.08 -21.04 -1.63
CA ASP B 434 4.33 -20.75 -3.04
C ASP B 434 5.23 -21.82 -3.66
N LEU B 435 6.33 -22.12 -2.99
CA LEU B 435 7.32 -23.07 -3.49
C LEU B 435 6.79 -24.50 -3.55
N HIS B 436 5.84 -24.84 -2.68
CA HIS B 436 5.26 -26.18 -2.68
C HIS B 436 4.22 -26.39 -3.78
N ALA B 437 3.48 -25.34 -4.10
CA ALA B 437 2.41 -25.44 -5.09
C ALA B 437 2.92 -25.06 -6.48
N ARG B 438 4.24 -24.94 -6.59
CA ARG B 438 4.89 -24.45 -7.80
C ARG B 438 4.53 -25.28 -9.04
N TYR B 439 4.48 -26.60 -8.86
CA TYR B 439 4.17 -27.50 -9.97
C TYR B 439 2.81 -28.18 -9.80
N GLY B 440 1.95 -27.57 -9.00
CA GLY B 440 0.58 -28.04 -8.83
C GLY B 440 0.32 -29.08 -7.76
N SER B 441 1.38 -29.53 -7.09
CA SER B 441 1.23 -30.50 -6.00
C SER B 441 0.34 -29.91 -4.91
N PRO B 442 -0.53 -30.75 -4.31
CA PRO B 442 -1.62 -30.30 -3.44
C PRO B 442 -1.17 -29.42 -2.27
N THR B 443 -1.70 -28.20 -2.22
CA THR B 443 -1.37 -27.25 -1.16
C THR B 443 -2.62 -26.51 -0.70
N TYR B 444 -2.72 -26.23 0.59
CA TYR B 444 -3.84 -25.45 1.11
C TYR B 444 -3.35 -24.43 2.12
N PHE B 445 -3.87 -23.20 2.03
CA PHE B 445 -3.44 -22.12 2.91
C PHE B 445 -4.61 -21.54 3.69
N TYR B 446 -4.35 -21.09 4.90
CA TYR B 446 -5.39 -20.48 5.72
C TYR B 446 -4.89 -19.29 6.55
N ALA B 447 -5.84 -18.49 7.02
CA ALA B 447 -5.57 -17.44 7.99
C ALA B 447 -6.59 -17.52 9.11
N PHE B 448 -6.11 -17.75 10.33
CA PHE B 448 -7.01 -18.00 11.45
C PHE B 448 -7.42 -16.69 12.11
N TYR B 449 -8.69 -16.32 11.94
CA TYR B 449 -9.19 -15.05 12.43
C TYR B 449 -10.21 -15.21 13.55
N HIS B 450 -9.94 -16.16 14.44
CA HIS B 450 -10.80 -16.34 15.62
C HIS B 450 -10.01 -16.89 16.80
N HIS B 451 -10.51 -16.60 17.99
CA HIS B 451 -9.89 -17.03 19.23
C HIS B 451 -10.88 -16.97 20.39
N CYS B 452 -10.59 -17.72 21.45
CA CYS B 452 -11.44 -17.76 22.62
C CYS B 452 -11.25 -16.53 23.49
N GLN B 453 -12.28 -16.16 24.24
CA GLN B 453 -12.17 -15.05 25.18
C GLN B 453 -11.67 -15.54 26.53
N SER B 454 -10.66 -14.84 27.07
CA SER B 454 -10.00 -15.26 28.31
C SER B 454 -9.16 -14.15 28.94
N LEU B 455 -8.64 -14.42 30.13
CA LEU B 455 -7.73 -13.50 30.80
C LEU B 455 -6.27 -13.79 30.43
N MET B 456 -6.08 -14.81 29.61
CA MET B 456 -4.74 -15.21 29.18
C MET B 456 -4.12 -14.14 28.30
N LYS B 457 -4.97 -13.33 27.68
CA LYS B 457 -4.57 -12.43 26.62
C LYS B 457 -5.35 -11.12 26.71
N PRO B 458 -4.69 -9.98 26.41
CA PRO B 458 -5.38 -8.68 26.40
C PRO B 458 -6.62 -8.69 25.50
N ALA B 459 -7.67 -8.00 25.93
CA ALA B 459 -8.95 -8.04 25.25
C ALA B 459 -8.90 -7.45 23.83
N TRP B 460 -7.95 -6.54 23.60
CA TRP B 460 -7.85 -5.86 22.31
C TRP B 460 -7.15 -6.71 21.26
N SER B 461 -6.54 -7.80 21.69
CA SER B 461 -5.71 -8.60 20.81
C SER B 461 -6.52 -9.49 19.88
N ASP B 462 -5.96 -9.82 18.73
CA ASP B 462 -6.55 -10.78 17.83
C ASP B 462 -6.00 -12.16 18.15
N ALA B 463 -6.27 -13.13 17.30
CA ALA B 463 -5.73 -14.48 17.47
C ALA B 463 -4.21 -14.44 17.53
N ALA B 464 -3.66 -14.85 18.68
CA ALA B 464 -2.22 -14.78 18.90
C ALA B 464 -1.58 -16.16 18.76
N HIS B 465 -0.28 -16.22 18.99
CA HIS B 465 0.48 -17.46 18.78
C HIS B 465 -0.06 -18.62 19.62
N GLY B 466 -0.47 -19.68 18.94
CA GLY B 466 -0.98 -20.87 19.61
C GLY B 466 -2.47 -20.88 19.85
N ASP B 467 -3.14 -19.78 19.53
CA ASP B 467 -4.58 -19.66 19.78
C ASP B 467 -5.44 -20.55 18.88
N GLU B 468 -4.84 -21.13 17.84
CA GLU B 468 -5.58 -22.03 16.96
C GLU B 468 -5.60 -23.46 17.50
N VAL B 469 -4.64 -23.77 18.37
CA VAL B 469 -4.51 -25.09 18.98
C VAL B 469 -5.79 -25.64 19.64
N PRO B 470 -6.49 -24.84 20.47
CA PRO B 470 -7.67 -25.43 21.14
C PRO B 470 -8.76 -25.89 20.18
N TYR B 471 -8.91 -25.22 19.05
CA TYR B 471 -9.97 -25.54 18.11
C TYR B 471 -9.60 -26.78 17.28
N VAL B 472 -8.31 -26.92 17.00
CA VAL B 472 -7.79 -28.09 16.31
C VAL B 472 -8.03 -29.36 17.13
N PHE B 473 -7.86 -29.27 18.44
CA PHE B 473 -7.98 -30.42 19.31
C PHE B 473 -9.32 -30.51 20.04
N GLY B 474 -10.28 -29.72 19.59
CA GLY B 474 -11.65 -29.81 20.07
C GLY B 474 -11.86 -29.59 21.57
N VAL B 475 -11.10 -28.66 22.13
CA VAL B 475 -11.25 -28.32 23.54
C VAL B 475 -12.66 -27.79 23.90
N PRO B 476 -13.28 -26.95 23.04
CA PRO B 476 -14.64 -26.50 23.37
C PRO B 476 -15.66 -27.63 23.54
N MET B 477 -15.40 -28.79 22.94
CA MET B 477 -16.29 -29.94 23.08
C MET B 477 -16.30 -30.51 24.49
N VAL B 478 -15.24 -30.23 25.24
CA VAL B 478 -15.09 -30.73 26.60
C VAL B 478 -15.31 -29.58 27.58
N GLY B 479 -15.33 -28.36 27.04
CA GLY B 479 -15.45 -27.18 27.87
C GLY B 479 -14.10 -26.77 28.42
N PRO B 480 -14.07 -25.73 29.27
CA PRO B 480 -12.83 -25.16 29.81
C PRO B 480 -11.97 -26.19 30.55
N THR B 481 -10.68 -26.19 30.26
CA THR B 481 -9.72 -27.08 30.90
C THR B 481 -8.63 -26.27 31.61
N ASP B 482 -7.88 -26.91 32.49
CA ASP B 482 -6.82 -26.25 33.25
C ASP B 482 -5.81 -25.53 32.36
N LEU B 483 -5.58 -26.06 31.17
CA LEU B 483 -4.59 -25.48 30.25
C LEU B 483 -5.22 -24.41 29.37
N PHE B 484 -6.52 -24.53 29.14
CA PHE B 484 -7.26 -23.53 28.39
C PHE B 484 -8.48 -23.03 29.16
N PRO B 485 -8.28 -22.07 30.07
CA PRO B 485 -9.33 -21.51 30.95
C PRO B 485 -10.37 -20.68 30.19
N CYS B 486 -10.38 -20.80 28.88
CA CYS B 486 -11.31 -20.08 28.00
C CYS B 486 -12.77 -20.30 28.39
N ASN B 487 -13.59 -19.28 28.20
CA ASN B 487 -15.04 -19.44 28.34
C ASN B 487 -15.67 -19.64 26.96
N PHE B 488 -15.66 -20.89 26.51
CA PHE B 488 -16.13 -21.25 25.18
C PHE B 488 -17.64 -21.07 25.02
N SER B 489 -18.03 -20.39 23.94
CA SER B 489 -19.43 -20.22 23.61
C SER B 489 -19.87 -21.34 22.67
N LYS B 490 -21.15 -21.35 22.30
CA LYS B 490 -21.65 -22.32 21.32
C LYS B 490 -20.98 -22.11 19.97
N ASN B 491 -20.66 -20.86 19.66
CA ASN B 491 -19.94 -20.52 18.43
C ASN B 491 -18.54 -21.12 18.40
N ASP B 492 -17.90 -21.18 19.57
CA ASP B 492 -16.57 -21.76 19.70
C ASP B 492 -16.62 -23.25 19.38
N VAL B 493 -17.64 -23.93 19.91
CA VAL B 493 -17.85 -25.35 19.64
C VAL B 493 -18.08 -25.61 18.15
N MET B 494 -18.91 -24.78 17.54
CA MET B 494 -19.27 -24.93 16.13
C MET B 494 -18.06 -24.80 15.21
N LEU B 495 -17.22 -23.80 15.48
CA LEU B 495 -16.03 -23.57 14.67
C LEU B 495 -15.02 -24.71 14.86
N SER B 496 -14.91 -25.19 16.10
CA SER B 496 -13.99 -26.27 16.43
C SER B 496 -14.35 -27.54 15.66
N ALA B 497 -15.65 -27.82 15.59
CA ALA B 497 -16.16 -28.92 14.79
C ALA B 497 -15.76 -28.76 13.32
N VAL B 498 -15.84 -27.52 12.84
CA VAL B 498 -15.48 -27.21 11.46
C VAL B 498 -14.00 -27.42 11.21
N VAL B 499 -13.17 -26.83 12.06
CA VAL B 499 -11.71 -26.93 11.94
C VAL B 499 -11.24 -28.39 11.99
N MET B 500 -11.78 -29.17 12.92
CA MET B 500 -11.44 -30.58 13.03
C MET B 500 -11.88 -31.34 11.79
N THR B 501 -13.04 -30.98 11.26
CA THR B 501 -13.57 -31.65 10.07
C THR B 501 -12.67 -31.40 8.87
N TYR B 502 -12.23 -30.15 8.71
CA TYR B 502 -11.24 -29.80 7.68
C TYR B 502 -9.96 -30.60 7.89
N TRP B 503 -9.46 -30.58 9.12
CA TRP B 503 -8.18 -31.18 9.46
C TRP B 503 -8.18 -32.69 9.24
N THR B 504 -9.19 -33.38 9.78
CA THR B 504 -9.25 -34.84 9.66
C THR B 504 -9.53 -35.27 8.23
N ASN B 505 -10.32 -34.49 7.50
CA ASN B 505 -10.59 -34.78 6.09
C ASN B 505 -9.30 -34.78 5.28
N PHE B 506 -8.45 -33.79 5.55
CA PHE B 506 -7.15 -33.70 4.92
C PHE B 506 -6.32 -34.95 5.22
N ALA B 507 -6.40 -35.42 6.46
CA ALA B 507 -5.66 -36.61 6.87
C ALA B 507 -6.13 -37.84 6.08
N LYS B 508 -7.44 -37.99 5.92
CA LYS B 508 -8.01 -39.12 5.20
C LYS B 508 -7.77 -39.10 3.69
N THR B 509 -7.97 -37.95 3.04
CA THR B 509 -7.93 -37.92 1.58
C THR B 509 -6.95 -36.92 0.97
N GLY B 510 -6.31 -36.10 1.79
CA GLY B 510 -5.42 -35.08 1.26
C GLY B 510 -6.21 -33.89 0.75
N ASP B 511 -7.51 -33.93 1.00
CA ASP B 511 -8.42 -32.87 0.58
C ASP B 511 -9.30 -32.51 1.77
N PRO B 512 -9.28 -31.23 2.17
CA PRO B 512 -10.03 -30.71 3.33
C PRO B 512 -11.53 -30.93 3.21
N ASN B 513 -12.01 -31.07 1.97
CA ASN B 513 -13.43 -31.12 1.69
C ASN B 513 -14.00 -32.53 1.59
N LYS B 514 -13.12 -33.51 1.43
CA LYS B 514 -13.55 -34.90 1.27
C LYS B 514 -12.99 -35.78 2.37
N PRO B 515 -13.80 -36.74 2.85
CA PRO B 515 -15.15 -37.04 2.36
C PRO B 515 -16.27 -36.37 3.16
N VAL B 516 -15.97 -35.92 4.38
CA VAL B 516 -17.00 -35.38 5.27
C VAL B 516 -17.31 -33.91 4.96
N PRO B 517 -18.52 -33.64 4.46
CA PRO B 517 -18.95 -32.27 4.14
C PRO B 517 -19.36 -31.48 5.37
N GLN B 518 -19.27 -30.15 5.30
CA GLN B 518 -19.70 -29.32 6.42
C GLN B 518 -21.22 -29.24 6.41
N ASP B 519 -21.87 -29.62 7.52
CA ASP B 519 -23.32 -29.64 7.57
C ASP B 519 -23.84 -29.09 8.89
N VAL B 533 -18.86 -24.53 3.03
CA VAL B 533 -17.81 -23.78 2.33
C VAL B 533 -16.74 -24.73 1.82
N ALA B 534 -16.31 -24.54 0.57
CA ALA B 534 -15.27 -25.39 0.00
C ALA B 534 -13.91 -24.70 0.01
N TRP B 535 -12.95 -25.38 0.63
CA TRP B 535 -11.59 -24.87 0.77
C TRP B 535 -10.81 -25.09 -0.51
N SER B 536 -10.57 -24.01 -1.25
CA SER B 536 -9.92 -24.12 -2.55
C SER B 536 -8.41 -24.34 -2.45
N LYS B 537 -7.87 -25.03 -3.44
CA LYS B 537 -6.43 -25.30 -3.51
C LYS B 537 -5.64 -24.02 -3.73
N TYR B 538 -4.44 -23.95 -3.16
CA TYR B 538 -3.61 -22.76 -3.26
C TYR B 538 -2.55 -22.91 -4.35
N ASN B 539 -2.52 -21.96 -5.27
CA ASN B 539 -1.48 -21.89 -6.31
C ASN B 539 -0.91 -20.47 -6.40
N PRO B 540 0.35 -20.34 -6.86
CA PRO B 540 1.05 -19.05 -6.87
C PRO B 540 0.33 -17.91 -7.62
N ARG B 541 -0.39 -18.21 -8.70
CA ARG B 541 -1.09 -17.14 -9.43
C ARG B 541 -2.39 -16.73 -8.73
N ASP B 542 -3.25 -17.69 -8.43
CA ASP B 542 -4.54 -17.39 -7.80
C ASP B 542 -4.40 -17.01 -6.33
N GLN B 543 -3.52 -17.71 -5.61
CA GLN B 543 -3.26 -17.45 -4.20
C GLN B 543 -4.53 -17.47 -3.35
N LEU B 544 -5.36 -18.50 -3.52
CA LEU B 544 -6.57 -18.64 -2.73
C LEU B 544 -6.28 -19.23 -1.36
N TYR B 545 -6.93 -18.69 -0.33
CA TYR B 545 -6.73 -19.18 1.03
C TYR B 545 -8.07 -19.20 1.76
N LEU B 546 -8.15 -19.99 2.82
CA LEU B 546 -9.38 -20.06 3.61
C LEU B 546 -9.29 -19.14 4.83
N HIS B 547 -10.21 -18.19 4.90
CA HIS B 547 -10.29 -17.29 6.05
C HIS B 547 -11.06 -17.99 7.16
N ILE B 548 -10.35 -18.44 8.19
CA ILE B 548 -11.00 -19.16 9.27
C ILE B 548 -11.42 -18.22 10.39
N GLY B 549 -12.72 -18.12 10.55
CA GLY B 549 -13.34 -17.28 11.56
C GLY B 549 -14.72 -17.87 11.75
N LEU B 550 -15.57 -17.20 12.53
CA LEU B 550 -16.91 -17.72 12.79
C LEU B 550 -17.73 -17.80 11.48
N LYS B 551 -17.24 -17.11 10.47
CA LYS B 551 -17.82 -17.12 9.12
C LYS B 551 -16.73 -17.43 8.09
N PRO B 552 -16.52 -18.72 7.80
CA PRO B 552 -15.40 -19.11 6.93
C PRO B 552 -15.72 -18.75 5.47
N ARG B 553 -14.67 -18.41 4.73
CA ARG B 553 -14.82 -17.93 3.36
C ARG B 553 -13.48 -17.99 2.65
N VAL B 554 -13.52 -18.09 1.33
CA VAL B 554 -12.30 -18.08 0.53
C VAL B 554 -11.96 -16.66 0.13
N ARG B 555 -10.69 -16.32 0.22
CA ARG B 555 -10.20 -15.02 -0.22
C ARG B 555 -8.91 -15.26 -0.98
N ASP B 556 -8.34 -14.21 -1.55
CA ASP B 556 -7.13 -14.39 -2.33
C ASP B 556 -6.04 -13.39 -1.96
N HIS B 557 -4.80 -13.76 -2.26
CA HIS B 557 -3.63 -12.90 -2.04
C HIS B 557 -3.58 -12.31 -0.64
N TYR B 558 -3.60 -13.19 0.36
CA TYR B 558 -3.56 -12.78 1.76
C TYR B 558 -2.40 -11.84 2.06
N ARG B 559 -2.74 -10.59 2.37
CA ARG B 559 -1.76 -9.54 2.68
C ARG B 559 -0.63 -9.52 1.65
N ALA B 560 -0.99 -9.66 0.37
CA ALA B 560 -0.01 -9.81 -0.69
C ALA B 560 0.92 -8.61 -0.80
N THR B 561 0.37 -7.42 -0.60
CA THR B 561 1.17 -6.19 -0.66
C THR B 561 2.25 -6.18 0.40
N LYS B 562 1.88 -6.58 1.62
CA LYS B 562 2.83 -6.70 2.72
C LYS B 562 3.82 -7.84 2.46
N VAL B 563 3.32 -8.97 2.00
CA VAL B 563 4.15 -10.13 1.70
C VAL B 563 5.17 -9.80 0.62
N ALA B 564 4.73 -9.05 -0.40
CA ALA B 564 5.59 -8.65 -1.51
C ALA B 564 6.70 -7.72 -1.04
N PHE B 565 6.38 -6.88 -0.05
CA PHE B 565 7.34 -5.92 0.48
C PHE B 565 8.54 -6.62 1.07
N TRP B 566 8.29 -7.58 1.95
CA TRP B 566 9.35 -8.32 2.62
C TRP B 566 10.12 -9.22 1.67
N LYS B 567 9.41 -9.82 0.71
CA LYS B 567 10.02 -10.74 -0.24
C LYS B 567 10.85 -10.05 -1.32
N HIS B 568 10.32 -8.98 -1.92
CA HIS B 568 10.95 -8.40 -3.10
C HIS B 568 11.65 -7.05 -2.88
N LEU B 569 10.96 -6.09 -2.29
CA LEU B 569 11.53 -4.75 -2.16
C LEU B 569 12.64 -4.65 -1.10
N VAL B 570 12.40 -5.21 0.08
CA VAL B 570 13.37 -5.11 1.18
C VAL B 570 14.78 -5.65 0.87
N PRO B 571 14.89 -6.81 0.18
CA PRO B 571 16.23 -7.28 -0.18
C PRO B 571 17.05 -6.30 -1.00
N HIS B 572 16.37 -5.46 -1.77
CA HIS B 572 17.01 -4.51 -2.65
C HIS B 572 17.73 -3.38 -1.90
N LEU B 573 17.07 -2.83 -0.88
CA LEU B 573 17.54 -1.64 -0.16
C LEU B 573 18.94 -1.70 0.46
N TYR B 574 19.25 -2.79 1.17
CA TYR B 574 20.55 -2.93 1.83
C TYR B 574 21.39 -4.01 1.16
N ASN B 575 22.72 -3.80 1.12
CA ASN B 575 23.67 -4.76 0.57
C ASN B 575 23.38 -6.21 0.94
C1 NAG C . -20.28 49.29 -35.06
C2 NAG C . -19.93 50.57 -35.81
C3 NAG C . -21.18 51.16 -36.45
C4 NAG C . -21.86 50.11 -37.32
C5 NAG C . -22.11 48.83 -36.53
C6 NAG C . -22.65 47.71 -37.38
C7 NAG C . -18.05 51.95 -35.04
C8 NAG C . -17.57 52.94 -34.03
N2 NAG C . -19.31 51.53 -34.90
O3 NAG C . -20.81 52.28 -37.25
O4 NAG C . -23.11 50.61 -37.80
O5 NAG C . -20.88 48.36 -35.97
O6 NAG C . -22.84 46.52 -36.62
O7 NAG C . -17.32 51.54 -35.95
C1 NAG D . -22.64 8.35 -30.13
C2 NAG D . -21.74 7.18 -29.75
C3 NAG D . -22.03 6.02 -30.69
C4 NAG D . -23.52 5.72 -30.75
C5 NAG D . -24.39 6.98 -30.84
C6 NAG D . -25.85 6.70 -30.56
C7 NAG D . -19.47 7.19 -28.82
C8 NAG D . -18.05 7.63 -29.02
N2 NAG D . -20.34 7.55 -29.79
O3 NAG D . -21.30 4.86 -30.28
O4 NAG D . -23.78 4.92 -31.90
O5 NAG D . -23.97 7.99 -29.91
O6 NAG D . -26.66 7.85 -30.81
O7 NAG D . -19.83 6.56 -27.83
C1 NAG E . -1.52 -49.86 35.50
C2 NAG E . -1.83 -50.53 36.86
C3 NAG E . -2.70 -49.62 37.74
C4 NAG E . -2.12 -48.23 37.85
C5 NAG E . -2.00 -47.67 36.44
C6 NAG E . -1.47 -46.25 36.39
C7 NAG E . -1.79 -52.97 36.94
C8 NAG E . -2.59 -54.22 36.78
N2 NAG E . -2.45 -51.82 36.72
O3 NAG E . -2.80 -50.20 39.03
O4 NAG E . -2.97 -47.37 38.61
O5 NAG E . -1.09 -48.48 35.70
O6 NAG E . -2.51 -45.34 36.07
O7 NAG E . -0.60 -53.00 37.23
C1 NAG F . -16.46 -15.95 30.82
C2 NAG F . -15.46 -14.91 30.35
C3 NAG F . -16.17 -13.57 30.13
C4 NAG F . -17.38 -13.73 29.23
C5 NAG F . -18.29 -14.83 29.77
C6 NAG F . -19.46 -15.12 28.86
C7 NAG F . -13.20 -15.41 31.19
C8 NAG F . -12.21 -15.15 32.26
N2 NAG F . -14.38 -14.76 31.30
O3 NAG F . -15.24 -12.65 29.56
O4 NAG F . -18.10 -12.50 29.16
O5 NAG F . -17.55 -16.06 29.88
O6 NAG F . -20.09 -16.35 29.20
O7 NAG F . -12.98 -16.16 30.25
#